data_5FBP
#
_entry.id   5FBP
#
_cell.length_a   131.100
_cell.length_b   131.100
_cell.length_c   69.700
_cell.angle_alpha   90.00
_cell.angle_beta   90.00
_cell.angle_gamma   120.00
#
_symmetry.space_group_name_H-M   'P 32 2 1'
#
loop_
_entity.id
_entity.type
_entity.pdbx_description
1 polymer 'FRUCTOSE 1,6-BISPHOSPHATASE'
2 non-polymer 6-O-phosphono-beta-D-fructofuranose
3 water water
#
_entity_poly.entity_id   1
_entity_poly.type   'polypeptide(L)'
_entity_poly.pdbx_seq_one_letter_code
;TDQAAFDTNIVTLTRFVMEQGRKARGTGEMTQLLNSLCTAVKAISTAVRKAGIAHLYGIAGSTNVTGDQVKKLDVLSNDL
VINVLKSSFATCVLVTEEDKNAIIVEPEKRGKYVVCFDPLDGSSNIDCLVSIGTIFGIYRKNSTDEPSEKDALQPGRNLV
AAGYALYGSATMLVLAMVNGVNCFMLDPAIGEFILVDRNVKIKKKGSIYSINEGYAKEFDPAITEYIQRKKFPPDNSAPY
GARYVGSMVADVHRTLVYGGIFMYPANKKSPKGKLRLLYECNPMAYVMEKAGGLATTGKEAVLDIVPTDIHQRAPIILGS
PEDVTELLEIYQKHA
;
_entity_poly.pdbx_strand_id   A,B
#
loop_
_chem_comp.id
_chem_comp.type
_chem_comp.name
_chem_comp.formula
F6P D-saccharide, beta linking 6-O-phosphono-beta-D-fructofuranose 'C6 H13 O9 P'
#
# COMPACT_ATOMS: atom_id res chain seq x y z
N PHE A 6 23.03 14.18 -12.39
CA PHE A 6 24.14 14.01 -13.34
C PHE A 6 23.71 13.86 -14.79
N ASP A 7 22.40 13.64 -15.01
CA ASP A 7 21.83 13.71 -16.34
C ASP A 7 21.68 15.22 -16.49
N THR A 8 22.09 15.80 -17.59
CA THR A 8 22.00 17.23 -17.72
C THR A 8 20.74 17.73 -18.41
N ASN A 9 19.80 16.96 -19.00
CA ASN A 9 18.59 17.59 -19.53
C ASN A 9 17.42 16.71 -19.14
N ILE A 10 17.08 17.04 -17.90
CA ILE A 10 16.05 16.34 -17.17
C ILE A 10 14.71 16.97 -17.56
N VAL A 11 13.67 16.18 -17.79
CA VAL A 11 12.36 16.77 -18.04
C VAL A 11 11.62 16.72 -16.72
N THR A 12 11.36 17.90 -16.21
CA THR A 12 10.64 18.12 -14.98
C THR A 12 9.17 18.37 -15.35
N LEU A 13 8.24 18.25 -14.40
CA LEU A 13 6.86 18.59 -14.63
C LEU A 13 6.78 20.06 -15.08
N THR A 14 7.52 21.00 -14.49
CA THR A 14 7.47 22.39 -14.94
C THR A 14 7.87 22.54 -16.42
N ARG A 15 8.97 21.95 -16.90
CA ARG A 15 9.35 22.07 -18.29
C ARG A 15 8.27 21.47 -19.16
N PHE A 16 7.77 20.28 -18.78
CA PHE A 16 6.76 19.59 -19.54
C PHE A 16 5.48 20.43 -19.69
N VAL A 17 4.94 20.97 -18.62
CA VAL A 17 3.70 21.71 -18.65
C VAL A 17 3.91 23.02 -19.39
N MET A 18 5.07 23.67 -19.23
CA MET A 18 5.38 24.93 -19.90
C MET A 18 5.38 24.73 -21.43
N GLU A 19 6.08 23.73 -21.97
CA GLU A 19 6.08 23.47 -23.40
C GLU A 19 4.71 23.09 -23.97
N GLN A 20 3.81 22.40 -23.26
CA GLN A 20 2.48 22.10 -23.79
C GLN A 20 1.63 23.36 -23.82
N GLY A 21 1.70 24.14 -22.73
CA GLY A 21 0.96 25.39 -22.61
C GLY A 21 1.36 26.36 -23.70
N ARG A 22 2.63 26.39 -24.06
CA ARG A 22 3.11 27.20 -25.17
C ARG A 22 2.37 26.94 -26.46
N LYS A 23 1.92 25.70 -26.67
CA LYS A 23 1.21 25.35 -27.87
C LYS A 23 -0.18 25.88 -27.83
N ALA A 24 -0.75 26.08 -26.66
CA ALA A 24 -2.07 26.67 -26.54
C ALA A 24 -2.06 28.19 -26.81
N ARG A 25 -0.89 28.85 -26.86
CA ARG A 25 -0.74 30.29 -26.99
C ARG A 25 -1.48 30.95 -25.81
N GLY A 26 -1.21 30.39 -24.65
CA GLY A 26 -1.86 30.76 -23.44
C GLY A 26 -1.23 31.88 -22.65
N THR A 27 -1.56 31.89 -21.36
CA THR A 27 -1.16 32.93 -20.46
C THR A 27 -0.03 32.49 -19.54
N GLY A 28 0.21 31.19 -19.36
CA GLY A 28 1.21 30.70 -18.42
C GLY A 28 0.55 30.30 -17.10
N GLU A 29 -0.74 30.58 -16.90
CA GLU A 29 -1.43 30.29 -15.67
C GLU A 29 -1.44 28.82 -15.28
N MET A 30 -1.68 27.84 -16.18
CA MET A 30 -1.65 26.42 -15.81
C MET A 30 -0.28 26.01 -15.26
N THR A 31 0.81 26.48 -15.86
CA THR A 31 2.15 26.19 -15.39
C THR A 31 2.35 26.78 -14.01
N GLN A 32 1.91 28.00 -13.70
CA GLN A 32 2.03 28.62 -12.37
C GLN A 32 1.32 27.78 -11.36
N LEU A 33 0.15 27.27 -11.77
CA LEU A 33 -0.75 26.50 -10.94
C LEU A 33 -0.11 25.15 -10.61
N LEU A 34 0.32 24.37 -11.61
CA LEU A 34 0.85 23.04 -11.29
C LEU A 34 2.20 23.18 -10.61
N ASN A 35 2.94 24.25 -10.87
CA ASN A 35 4.15 24.53 -10.13
C ASN A 35 3.87 24.72 -8.65
N SER A 36 2.91 25.52 -8.27
CA SER A 36 2.55 25.67 -6.88
C SER A 36 2.04 24.37 -6.28
N LEU A 37 1.24 23.62 -7.03
CA LEU A 37 0.63 22.41 -6.49
C LEU A 37 1.78 21.46 -6.21
N CYS A 38 2.80 21.37 -7.04
CA CYS A 38 3.95 20.53 -6.75
C CYS A 38 4.70 20.87 -5.46
N THR A 39 4.79 22.15 -5.07
CA THR A 39 5.41 22.57 -3.84
C THR A 39 4.59 21.99 -2.71
N ALA A 40 3.27 21.97 -2.83
CA ALA A 40 2.48 21.50 -1.74
C ALA A 40 2.60 19.99 -1.67
N VAL A 41 2.63 19.34 -2.84
CA VAL A 41 2.75 17.90 -2.87
C VAL A 41 4.04 17.44 -2.20
N LYS A 42 5.18 18.10 -2.40
CA LYS A 42 6.43 17.69 -1.79
C LYS A 42 6.40 17.87 -0.30
N ALA A 43 5.76 18.93 0.17
CA ALA A 43 5.71 19.19 1.57
C ALA A 43 4.80 18.15 2.22
N ILE A 44 3.69 17.72 1.58
CA ILE A 44 2.84 16.71 2.19
C ILE A 44 3.62 15.40 2.18
N SER A 45 4.35 15.07 1.12
CA SER A 45 5.18 13.89 1.05
C SER A 45 6.15 13.79 2.19
N THR A 46 6.93 14.82 2.48
CA THR A 46 7.86 14.82 3.58
C THR A 46 7.13 14.63 4.89
N ALA A 47 5.96 15.25 5.06
CA ALA A 47 5.19 15.11 6.28
C ALA A 47 4.75 13.66 6.51
N VAL A 48 4.24 12.99 5.47
CA VAL A 48 3.77 11.62 5.59
C VAL A 48 4.98 10.73 5.87
N ARG A 49 6.14 10.98 5.27
CA ARG A 49 7.33 10.18 5.53
C ARG A 49 7.84 10.23 6.95
N LYS A 50 7.43 11.21 7.77
CA LYS A 50 7.89 11.25 9.14
C LYS A 50 6.71 11.38 10.12
N ALA A 51 5.49 11.11 9.62
CA ALA A 51 4.25 11.06 10.39
C ALA A 51 4.42 9.83 11.27
N GLY A 52 4.88 10.06 12.48
CA GLY A 52 5.14 8.96 13.39
C GLY A 52 6.20 9.45 14.33
N ILE A 53 7.21 10.12 13.79
CA ILE A 53 8.32 10.63 14.55
C ILE A 53 7.82 11.92 15.18
N ALA A 54 7.65 11.87 16.51
CA ALA A 54 7.32 12.94 17.47
C ALA A 54 6.23 12.46 18.44
N HIS A 55 6.45 12.58 19.64
N LYS A 72 -5.98 16.68 11.60
CA LYS A 72 -4.63 17.06 11.97
C LYS A 72 -3.72 17.23 10.72
N LEU A 73 -3.23 16.17 10.07
CA LEU A 73 -2.43 16.24 8.85
C LEU A 73 -3.31 16.60 7.65
N ASP A 74 -4.55 16.13 7.61
CA ASP A 74 -5.52 16.47 6.57
C ASP A 74 -5.78 17.95 6.59
N VAL A 75 -5.89 18.52 7.78
CA VAL A 75 -6.05 19.94 7.97
C VAL A 75 -4.86 20.78 7.48
N LEU A 76 -3.64 20.53 7.93
CA LEU A 76 -2.45 21.20 7.46
C LEU A 76 -2.32 21.00 5.95
N SER A 77 -2.63 19.81 5.42
CA SER A 77 -2.58 19.53 4.01
C SER A 77 -3.55 20.40 3.24
N ASN A 78 -4.71 20.56 3.82
CA ASN A 78 -5.73 21.37 3.21
C ASN A 78 -5.29 22.83 3.17
N ASP A 79 -4.75 23.33 4.29
CA ASP A 79 -4.31 24.71 4.36
C ASP A 79 -3.22 24.96 3.38
N LEU A 80 -2.25 24.05 3.28
CA LEU A 80 -1.14 24.14 2.37
C LEU A 80 -1.57 24.17 0.91
N VAL A 81 -2.46 23.27 0.44
CA VAL A 81 -2.93 23.31 -0.94
C VAL A 81 -3.66 24.62 -1.19
N ILE A 82 -4.50 25.12 -0.28
CA ILE A 82 -5.26 26.34 -0.54
C ILE A 82 -4.29 27.49 -0.69
N ASN A 83 -3.32 27.61 0.20
CA ASN A 83 -2.35 28.72 0.17
C ASN A 83 -1.50 28.77 -1.05
N VAL A 84 -0.95 27.62 -1.47
CA VAL A 84 -0.10 27.63 -2.65
C VAL A 84 -0.99 27.93 -3.83
N LEU A 85 -2.23 27.45 -3.91
CA LEU A 85 -3.09 27.74 -5.04
C LEU A 85 -3.54 29.19 -5.05
N LYS A 86 -4.00 29.81 -3.96
CA LYS A 86 -4.35 31.23 -3.94
C LYS A 86 -3.14 32.06 -4.41
N SER A 87 -1.91 31.68 -4.05
CA SER A 87 -0.71 32.39 -4.41
C SER A 87 -0.24 32.21 -5.83
N SER A 88 -0.80 31.29 -6.61
CA SER A 88 -0.32 31.06 -7.98
C SER A 88 -0.79 32.11 -8.96
N PHE A 89 -1.79 32.91 -8.56
CA PHE A 89 -2.44 33.89 -9.43
C PHE A 89 -3.09 33.13 -10.58
N ALA A 90 -3.56 31.89 -10.33
CA ALA A 90 -4.15 31.12 -11.42
C ALA A 90 -5.51 30.56 -11.12
N THR A 91 -6.06 30.79 -9.93
CA THR A 91 -7.30 30.15 -9.57
C THR A 91 -8.34 31.14 -9.11
N CYS A 92 -9.63 30.83 -9.17
CA CYS A 92 -10.67 31.73 -8.68
C CYS A 92 -11.67 31.05 -7.78
N VAL A 93 -11.88 29.72 -7.87
CA VAL A 93 -12.81 28.99 -6.99
C VAL A 93 -12.02 27.76 -6.58
N LEU A 94 -12.10 27.39 -5.32
CA LEU A 94 -11.42 26.20 -4.86
C LEU A 94 -12.39 25.37 -4.06
N VAL A 95 -12.53 24.08 -4.36
CA VAL A 95 -13.46 23.19 -3.69
C VAL A 95 -12.63 22.12 -3.00
N THR A 96 -12.76 21.99 -1.69
CA THR A 96 -12.03 20.98 -0.93
C THR A 96 -13.02 20.03 -0.30
N GLU A 97 -12.55 18.79 -0.09
CA GLU A 97 -13.25 17.80 0.73
C GLU A 97 -13.50 18.47 2.08
N GLU A 98 -12.45 19.03 2.70
CA GLU A 98 -12.54 19.68 4.01
C GLU A 98 -13.43 20.89 4.20
N ASP A 99 -13.89 21.58 3.16
CA ASP A 99 -14.62 22.81 3.36
C ASP A 99 -16.07 22.73 2.91
N LYS A 100 -17.05 23.06 3.78
CA LYS A 100 -18.49 23.06 3.48
C LYS A 100 -18.88 23.75 2.17
N ASN A 101 -18.25 24.91 1.94
CA ASN A 101 -18.52 25.74 0.79
C ASN A 101 -17.29 25.98 -0.06
N ALA A 102 -17.48 26.36 -1.32
CA ALA A 102 -16.34 26.67 -2.16
C ALA A 102 -15.60 27.91 -1.67
N ILE A 103 -14.26 27.95 -1.80
CA ILE A 103 -13.43 29.11 -1.46
C ILE A 103 -13.31 30.02 -2.68
N ILE A 104 -13.70 31.29 -2.55
CA ILE A 104 -13.55 32.18 -3.68
C ILE A 104 -12.27 32.96 -3.44
N VAL A 105 -11.40 33.00 -4.43
CA VAL A 105 -10.10 33.64 -4.31
C VAL A 105 -10.29 35.16 -4.43
N GLU A 106 -9.56 35.90 -3.62
CA GLU A 106 -9.51 37.37 -3.55
C GLU A 106 -9.19 37.93 -4.92
N PRO A 107 -9.80 39.04 -5.33
CA PRO A 107 -9.65 39.64 -6.65
C PRO A 107 -8.22 39.88 -7.05
N GLU A 108 -7.38 40.25 -6.11
CA GLU A 108 -6.03 40.56 -6.47
C GLU A 108 -5.21 39.32 -6.79
N LYS A 109 -5.67 38.13 -6.40
CA LYS A 109 -4.96 36.89 -6.71
C LYS A 109 -5.71 35.98 -7.63
N ARG A 110 -6.79 36.44 -8.24
CA ARG A 110 -7.61 35.61 -9.07
C ARG A 110 -7.02 35.32 -10.41
N GLY A 111 -7.25 34.10 -10.88
CA GLY A 111 -6.81 33.67 -12.21
C GLY A 111 -7.98 32.90 -12.82
N LYS A 112 -7.82 32.18 -13.92
CA LYS A 112 -8.97 31.58 -14.60
C LYS A 112 -9.44 30.19 -14.21
N TYR A 113 -8.70 29.46 -13.37
CA TYR A 113 -9.07 28.08 -13.09
C TYR A 113 -9.86 27.80 -11.83
N VAL A 114 -10.68 26.75 -11.85
CA VAL A 114 -11.46 26.28 -10.71
C VAL A 114 -10.76 24.97 -10.34
N VAL A 115 -10.37 24.72 -9.08
CA VAL A 115 -9.69 23.48 -8.76
C VAL A 115 -10.49 22.79 -7.69
N CYS A 116 -10.82 21.52 -7.86
CA CYS A 116 -11.51 20.73 -6.86
C CYS A 116 -10.47 19.69 -6.46
N PHE A 117 -10.21 19.45 -5.17
CA PHE A 117 -9.15 18.55 -4.77
C PHE A 117 -9.52 17.91 -3.47
N ASP A 118 -8.91 16.77 -3.27
CA ASP A 118 -9.03 16.06 -2.00
C ASP A 118 -7.59 16.11 -1.46
N PRO A 119 -7.21 16.83 -0.40
CA PRO A 119 -5.81 17.06 -0.07
C PRO A 119 -5.11 15.84 0.48
N LEU A 120 -5.76 14.86 1.11
CA LEU A 120 -5.04 13.73 1.65
C LEU A 120 -6.14 12.71 1.81
N ASP A 121 -6.38 11.99 0.75
CA ASP A 121 -7.43 11.03 0.71
C ASP A 121 -7.17 9.85 1.60
N GLY A 122 -8.16 9.62 2.45
CA GLY A 122 -8.14 8.56 3.43
C GLY A 122 -7.02 8.68 4.45
N SER A 123 -6.86 9.87 5.03
CA SER A 123 -5.88 10.16 6.06
C SER A 123 -5.84 9.15 7.19
N SER A 124 -6.94 8.49 7.57
CA SER A 124 -6.98 7.47 8.63
C SER A 124 -6.04 6.30 8.36
N ASN A 125 -5.87 6.01 7.07
CA ASN A 125 -4.97 4.97 6.58
C ASN A 125 -3.50 5.17 6.99
N ILE A 126 -3.03 6.36 7.39
CA ILE A 126 -1.64 6.59 7.70
C ILE A 126 -1.22 5.80 8.93
N ASP A 127 -2.10 5.49 9.88
CA ASP A 127 -1.73 4.64 11.00
C ASP A 127 -1.20 3.27 10.61
N CYS A 128 -1.67 2.73 9.50
CA CYS A 128 -1.28 1.42 9.01
C CYS A 128 -0.23 1.40 7.91
N LEU A 129 0.29 2.57 7.55
CA LEU A 129 1.22 2.86 6.46
C LEU A 129 0.63 2.50 5.11
N VAL A 130 -0.68 2.67 4.99
CA VAL A 130 -1.32 2.43 3.70
C VAL A 130 -1.04 3.65 2.81
N SER A 131 -0.62 3.46 1.56
CA SER A 131 -0.35 4.55 0.65
C SER A 131 -1.60 5.39 0.41
N ILE A 132 -1.54 6.72 0.46
CA ILE A 132 -2.72 7.61 0.31
C ILE A 132 -2.32 8.64 -0.73
N GLY A 133 -3.12 9.67 -1.02
CA GLY A 133 -2.64 10.62 -2.02
C GLY A 133 -3.49 11.84 -2.15
N THR A 134 -3.14 12.75 -3.03
CA THR A 134 -3.89 13.97 -3.23
C THR A 134 -4.50 13.78 -4.60
N ILE A 135 -5.79 14.05 -4.77
CA ILE A 135 -6.51 13.93 -6.05
C ILE A 135 -6.97 15.36 -6.46
N PHE A 136 -6.88 15.79 -7.72
CA PHE A 136 -7.34 17.12 -8.12
C PHE A 136 -7.87 17.14 -9.56
N GLY A 137 -8.79 18.06 -9.77
CA GLY A 137 -9.44 18.27 -11.03
C GLY A 137 -9.46 19.77 -11.25
N ILE A 138 -9.17 20.23 -12.45
CA ILE A 138 -9.05 21.65 -12.75
C ILE A 138 -10.05 21.99 -13.85
N TYR A 139 -10.99 22.92 -13.68
CA TYR A 139 -11.86 23.36 -14.77
C TYR A 139 -11.45 24.78 -15.10
N ARG A 140 -11.89 25.30 -16.22
CA ARG A 140 -11.67 26.67 -16.60
C ARG A 140 -12.99 27.38 -16.29
N LYS A 141 -13.03 28.54 -15.64
CA LYS A 141 -14.26 29.30 -15.34
C LYS A 141 -14.61 29.95 -16.66
N ASN A 142 -15.83 29.81 -17.14
CA ASN A 142 -16.23 30.26 -18.48
C ASN A 142 -17.16 31.47 -18.47
N SER A 143 -17.89 31.72 -17.39
CA SER A 143 -18.79 32.83 -17.33
C SER A 143 -18.05 34.11 -16.96
N THR A 144 -18.79 35.19 -17.16
CA THR A 144 -18.34 36.55 -16.91
C THR A 144 -18.79 37.11 -15.56
N ASP A 145 -19.81 36.51 -14.91
CA ASP A 145 -20.16 36.94 -13.58
C ASP A 145 -19.19 36.45 -12.53
N GLU A 146 -19.32 37.07 -11.37
CA GLU A 146 -18.43 36.87 -10.25
C GLU A 146 -18.21 35.36 -9.95
N PRO A 147 -16.99 34.90 -9.62
CA PRO A 147 -16.72 33.52 -9.24
C PRO A 147 -17.70 32.95 -8.21
N SER A 148 -18.16 31.70 -8.35
CA SER A 148 -19.05 31.09 -7.35
C SER A 148 -18.97 29.55 -7.43
N GLU A 149 -19.62 28.79 -6.54
CA GLU A 149 -19.70 27.33 -6.62
C GLU A 149 -20.22 26.80 -7.96
N LYS A 150 -21.08 27.56 -8.63
CA LYS A 150 -21.64 27.15 -9.88
C LYS A 150 -20.59 26.94 -10.95
N ASP A 151 -19.49 27.68 -10.92
CA ASP A 151 -18.41 27.47 -11.89
C ASP A 151 -17.72 26.09 -11.66
N ALA A 152 -17.82 25.48 -10.46
CA ALA A 152 -17.27 24.15 -10.19
C ALA A 152 -18.29 23.07 -10.56
N LEU A 153 -19.56 23.44 -10.81
CA LEU A 153 -20.58 22.46 -11.10
C LEU A 153 -20.71 22.17 -12.58
N GLN A 154 -19.59 21.72 -13.15
CA GLN A 154 -19.50 21.37 -14.56
C GLN A 154 -19.36 19.85 -14.68
N PRO A 155 -19.75 19.20 -15.79
CA PRO A 155 -19.49 17.80 -16.05
C PRO A 155 -17.99 17.54 -16.03
N GLY A 156 -17.59 16.39 -15.50
CA GLY A 156 -16.19 16.01 -15.46
C GLY A 156 -15.59 15.99 -16.83
N ARG A 157 -16.42 15.76 -17.84
CA ARG A 157 -16.02 15.74 -19.25
C ARG A 157 -15.36 17.04 -19.68
N ASN A 158 -15.63 18.12 -18.95
CA ASN A 158 -15.10 19.45 -19.18
C ASN A 158 -13.85 19.81 -18.31
N LEU A 159 -13.19 18.87 -17.61
CA LEU A 159 -11.95 19.14 -16.88
C LEU A 159 -10.87 19.44 -17.90
N VAL A 160 -9.98 20.40 -17.64
CA VAL A 160 -8.90 20.64 -18.57
C VAL A 160 -7.69 19.87 -18.09
N ALA A 161 -7.62 19.40 -16.85
CA ALA A 161 -6.49 18.64 -16.38
C ALA A 161 -6.92 17.92 -15.13
N ALA A 162 -6.34 16.78 -14.75
CA ALA A 162 -6.70 16.06 -13.54
C ALA A 162 -5.59 15.10 -13.13
N GLY A 163 -5.59 14.60 -11.92
CA GLY A 163 -4.62 13.58 -11.61
C GLY A 163 -4.54 13.40 -10.13
N TYR A 164 -3.45 12.82 -9.68
CA TYR A 164 -3.25 12.53 -8.28
C TYR A 164 -1.79 12.44 -7.97
N ALA A 165 -1.41 12.59 -6.72
CA ALA A 165 -0.05 12.37 -6.29
C ALA A 165 -0.22 11.20 -5.33
N LEU A 166 0.55 10.10 -5.47
CA LEU A 166 0.52 8.94 -4.59
C LEU A 166 1.70 9.06 -3.64
N TYR A 167 1.50 9.07 -2.31
CA TYR A 167 2.61 9.07 -1.35
C TYR A 167 2.78 7.61 -0.95
N GLY A 168 3.65 6.88 -1.65
CA GLY A 168 3.88 5.48 -1.36
C GLY A 168 5.37 5.23 -1.18
N SER A 169 5.87 4.05 -1.58
CA SER A 169 7.29 3.73 -1.43
C SER A 169 8.12 4.74 -2.23
N ALA A 170 7.48 5.33 -3.24
CA ALA A 170 7.98 6.46 -3.99
C ALA A 170 6.83 7.46 -4.10
N THR A 171 7.07 8.77 -4.36
CA THR A 171 6.00 9.70 -4.61
C THR A 171 5.91 9.87 -6.11
N MET A 172 4.73 9.63 -6.65
CA MET A 172 4.43 9.71 -8.08
C MET A 172 3.32 10.74 -8.34
N LEU A 173 3.41 11.59 -9.37
CA LEU A 173 2.30 12.47 -9.71
C LEU A 173 1.87 11.98 -11.08
N VAL A 174 0.62 11.63 -11.22
CA VAL A 174 0.07 11.23 -12.50
C VAL A 174 -0.78 12.38 -12.98
N LEU A 175 -0.55 12.84 -14.19
CA LEU A 175 -1.20 14.02 -14.74
C LEU A 175 -1.81 13.71 -16.07
N ALA A 176 -3.10 14.03 -16.25
CA ALA A 176 -3.81 13.83 -17.53
C ALA A 176 -4.29 15.21 -17.96
N MET A 177 -4.10 15.55 -19.23
CA MET A 177 -4.60 16.81 -19.80
C MET A 177 -5.09 16.46 -21.20
N VAL A 178 -5.46 17.36 -22.13
CA VAL A 178 -5.99 16.96 -23.43
C VAL A 178 -5.09 15.97 -24.18
N ASN A 179 -3.79 16.14 -24.03
CA ASN A 179 -2.76 15.32 -24.66
C ASN A 179 -2.38 13.95 -24.05
N GLY A 180 -2.94 13.35 -23.01
CA GLY A 180 -2.52 12.03 -22.56
C GLY A 180 -2.25 12.04 -21.07
N VAL A 181 -1.79 10.91 -20.56
CA VAL A 181 -1.55 10.74 -19.15
C VAL A 181 -0.04 10.62 -19.10
N ASN A 182 0.66 11.38 -18.26
CA ASN A 182 2.11 11.25 -18.05
C ASN A 182 2.37 11.09 -16.55
N CYS A 183 3.39 10.32 -16.15
CA CYS A 183 3.68 10.02 -14.74
C CYS A 183 5.04 10.62 -14.36
N PHE A 184 5.11 11.32 -13.22
CA PHE A 184 6.32 12.05 -12.88
C PHE A 184 6.70 11.57 -11.54
N MET A 185 7.96 11.22 -11.29
CA MET A 185 8.33 10.66 -10.01
C MET A 185 9.09 11.73 -9.23
N LEU A 186 8.81 11.93 -7.95
CA LEU A 186 9.61 12.90 -7.23
C LEU A 186 11.02 12.38 -7.00
N ASP A 187 12.05 13.04 -7.52
CA ASP A 187 13.43 12.73 -7.14
C ASP A 187 13.67 13.49 -5.85
N PRO A 188 13.78 12.75 -4.74
CA PRO A 188 13.91 13.31 -3.41
C PRO A 188 15.29 14.00 -3.22
N ALA A 189 16.36 13.68 -3.97
CA ALA A 189 17.63 14.35 -3.85
C ALA A 189 17.55 15.77 -4.41
N ILE A 190 16.85 16.09 -5.51
CA ILE A 190 16.78 17.48 -5.99
C ILE A 190 15.40 18.11 -5.82
N GLY A 191 14.39 17.45 -5.24
CA GLY A 191 13.05 18.01 -5.09
C GLY A 191 12.38 18.42 -6.41
N GLU A 192 12.45 17.57 -7.45
CA GLU A 192 11.78 17.86 -8.72
C GLU A 192 11.04 16.60 -9.13
N PHE A 193 9.92 16.74 -9.83
CA PHE A 193 9.14 15.67 -10.38
C PHE A 193 9.69 15.40 -11.79
N ILE A 194 10.21 14.21 -12.07
CA ILE A 194 10.87 13.84 -13.31
C ILE A 194 9.93 12.99 -14.17
N LEU A 195 9.80 13.24 -15.49
CA LEU A 195 8.92 12.48 -16.37
C LEU A 195 9.50 11.07 -16.50
N VAL A 196 8.80 10.05 -15.96
CA VAL A 196 9.30 8.69 -16.05
C VAL A 196 8.41 7.86 -16.94
N ASP A 197 7.15 8.20 -17.18
CA ASP A 197 6.35 7.41 -18.08
C ASP A 197 5.48 8.25 -19.01
N ARG A 198 5.55 8.06 -20.32
CA ARG A 198 4.86 8.95 -21.27
C ARG A 198 3.68 8.30 -21.96
N ASN A 199 2.55 9.01 -22.09
CA ASN A 199 1.35 8.52 -22.75
C ASN A 199 0.95 7.12 -22.33
N VAL A 200 0.63 7.08 -21.05
CA VAL A 200 0.23 5.84 -20.43
C VAL A 200 -1.15 5.45 -20.98
N LYS A 201 -1.26 4.18 -21.37
CA LYS A 201 -2.49 3.63 -21.89
C LYS A 201 -2.77 2.40 -21.06
N ILE A 202 -4.00 2.16 -20.58
CA ILE A 202 -4.31 0.96 -19.80
C ILE A 202 -4.39 -0.32 -20.70
N LYS A 203 -4.20 -1.52 -20.12
CA LYS A 203 -4.42 -2.77 -20.83
C LYS A 203 -5.89 -2.91 -21.20
N LYS A 204 -6.23 -3.57 -22.32
CA LYS A 204 -7.64 -3.71 -22.69
C LYS A 204 -8.43 -4.62 -21.78
N LYS A 205 -7.79 -5.64 -21.25
CA LYS A 205 -8.43 -6.59 -20.35
C LYS A 205 -7.41 -6.94 -19.29
N GLY A 206 -7.80 -7.03 -18.04
CA GLY A 206 -6.84 -7.26 -17.00
C GLY A 206 -7.15 -8.57 -16.32
N SER A 207 -6.64 -8.79 -15.12
CA SER A 207 -6.83 -10.05 -14.43
C SER A 207 -6.92 -9.83 -12.94
N ILE A 208 -7.34 -8.65 -12.50
CA ILE A 208 -7.49 -8.34 -11.08
C ILE A 208 -8.83 -7.61 -10.97
N TYR A 209 -9.64 -7.89 -9.96
CA TYR A 209 -10.85 -7.15 -9.68
C TYR A 209 -10.60 -6.59 -8.30
N SER A 210 -11.09 -5.40 -7.98
CA SER A 210 -10.81 -4.77 -6.72
C SER A 210 -12.12 -4.25 -6.17
N ILE A 211 -12.57 -4.73 -5.01
CA ILE A 211 -13.80 -4.31 -4.35
C ILE A 211 -13.72 -4.69 -2.89
N ASN A 212 -14.40 -3.97 -2.01
CA ASN A 212 -14.50 -4.34 -0.60
C ASN A 212 -15.57 -5.43 -0.50
N GLU A 213 -15.24 -6.74 -0.61
CA GLU A 213 -16.25 -7.82 -0.47
C GLU A 213 -16.85 -7.98 0.92
N GLY A 214 -16.43 -7.24 1.94
CA GLY A 214 -17.11 -7.29 3.23
C GLY A 214 -18.51 -6.69 3.13
N TYR A 215 -18.83 -6.01 2.01
CA TYR A 215 -20.15 -5.44 1.77
C TYR A 215 -21.03 -6.39 0.98
N ALA A 216 -20.64 -7.67 0.83
CA ALA A 216 -21.35 -8.65 0.02
C ALA A 216 -22.87 -8.75 0.13
N LYS A 217 -23.44 -8.63 1.32
CA LYS A 217 -24.88 -8.67 1.40
C LYS A 217 -25.53 -7.42 0.84
N GLU A 218 -24.81 -6.29 0.89
CA GLU A 218 -25.30 -5.03 0.40
C GLU A 218 -25.21 -4.92 -1.10
N PHE A 219 -24.55 -5.77 -1.86
CA PHE A 219 -24.44 -5.54 -3.29
C PHE A 219 -25.74 -5.76 -4.00
N ASP A 220 -25.75 -5.34 -5.24
CA ASP A 220 -26.87 -5.51 -6.14
C ASP A 220 -26.67 -6.79 -6.94
N PRO A 221 -27.67 -7.31 -7.66
CA PRO A 221 -27.54 -8.42 -8.58
C PRO A 221 -26.39 -8.44 -9.57
N ALA A 222 -26.07 -7.31 -10.22
CA ALA A 222 -25.04 -7.32 -11.26
C ALA A 222 -23.61 -7.38 -10.72
N ILE A 223 -23.30 -6.61 -9.69
CA ILE A 223 -22.00 -6.67 -9.06
C ILE A 223 -21.88 -8.11 -8.53
N THR A 224 -22.87 -8.64 -7.78
CA THR A 224 -22.82 -9.99 -7.22
C THR A 224 -22.60 -11.11 -8.26
N GLU A 225 -23.28 -11.05 -9.40
CA GLU A 225 -23.04 -12.03 -10.46
C GLU A 225 -21.65 -11.86 -11.05
N TYR A 226 -21.18 -10.60 -11.23
CA TYR A 226 -19.85 -10.36 -11.76
C TYR A 226 -18.75 -10.90 -10.82
N ILE A 227 -18.70 -10.54 -9.53
CA ILE A 227 -17.78 -11.09 -8.55
C ILE A 227 -17.79 -12.61 -8.64
N GLN A 228 -18.97 -13.26 -8.63
CA GLN A 228 -19.12 -14.71 -8.74
C GLN A 228 -18.42 -15.25 -9.98
N ARG A 229 -18.55 -14.60 -11.14
CA ARG A 229 -17.94 -15.14 -12.34
C ARG A 229 -16.45 -14.85 -12.45
N LYS A 230 -15.94 -14.03 -11.52
CA LYS A 230 -14.51 -13.79 -11.45
C LYS A 230 -13.82 -14.93 -10.71
N LYS A 231 -14.48 -15.38 -9.67
CA LYS A 231 -14.01 -16.44 -8.81
C LYS A 231 -14.25 -17.81 -9.48
N PHE A 232 -15.43 -17.99 -10.09
CA PHE A 232 -15.81 -19.25 -10.77
C PHE A 232 -16.10 -18.95 -12.23
N PRO A 233 -15.08 -18.75 -13.09
CA PRO A 233 -15.19 -18.34 -14.50
C PRO A 233 -15.95 -19.33 -15.33
N PRO A 234 -17.08 -18.95 -15.93
CA PRO A 234 -17.91 -19.83 -16.76
C PRO A 234 -17.22 -20.48 -17.96
N ASP A 235 -16.49 -19.75 -18.82
CA ASP A 235 -15.73 -20.34 -19.93
C ASP A 235 -14.50 -21.15 -19.49
N ASN A 236 -14.47 -21.62 -18.24
CA ASN A 236 -13.43 -22.45 -17.64
C ASN A 236 -12.03 -21.83 -17.68
N SER A 237 -12.02 -20.49 -17.65
CA SER A 237 -10.82 -19.65 -17.72
C SER A 237 -10.05 -19.65 -16.41
N ALA A 238 -8.97 -18.87 -16.37
CA ALA A 238 -8.25 -18.63 -15.13
C ALA A 238 -9.11 -17.62 -14.33
N PRO A 239 -9.41 -17.80 -13.03
CA PRO A 239 -9.99 -16.79 -12.14
C PRO A 239 -9.16 -15.50 -11.98
N TYR A 240 -9.81 -14.39 -11.68
CA TYR A 240 -9.08 -13.14 -11.50
C TYR A 240 -8.46 -13.13 -10.12
N GLY A 241 -7.35 -12.41 -9.96
CA GLY A 241 -6.82 -12.21 -8.63
C GLY A 241 -7.62 -11.07 -8.03
N ALA A 242 -7.73 -11.02 -6.74
CA ALA A 242 -8.37 -9.92 -6.06
C ALA A 242 -7.29 -9.14 -5.28
N ARG A 243 -7.42 -7.82 -5.32
CA ARG A 243 -6.59 -6.91 -4.54
C ARG A 243 -7.49 -5.76 -4.11
N TYR A 244 -7.38 -5.20 -2.90
CA TYR A 244 -8.18 -4.05 -2.48
C TYR A 244 -7.37 -3.42 -1.36
N VAL A 245 -6.56 -2.42 -1.70
CA VAL A 245 -5.72 -1.75 -0.72
C VAL A 245 -6.60 -0.97 0.25
N GLY A 246 -7.74 -0.40 -0.18
CA GLY A 246 -8.58 0.38 0.72
C GLY A 246 -8.19 1.87 0.67
N SER A 247 -7.52 2.26 -0.41
CA SER A 247 -7.09 3.63 -0.58
C SER A 247 -7.32 3.83 -2.05
N MET A 248 -8.15 4.81 -2.39
CA MET A 248 -8.56 5.00 -3.76
C MET A 248 -7.38 5.24 -4.69
N VAL A 249 -6.44 6.12 -4.32
CA VAL A 249 -5.26 6.38 -5.13
C VAL A 249 -4.42 5.11 -5.32
N ALA A 250 -4.19 4.28 -4.31
CA ALA A 250 -3.38 3.09 -4.53
C ALA A 250 -4.07 2.10 -5.48
N ASP A 251 -5.38 1.92 -5.27
CA ASP A 251 -6.12 0.93 -6.05
C ASP A 251 -6.26 1.37 -7.46
N VAL A 252 -6.58 2.66 -7.67
CA VAL A 252 -6.69 3.14 -9.04
C VAL A 252 -5.31 3.15 -9.68
N HIS A 253 -4.21 3.47 -8.96
CA HIS A 253 -2.90 3.47 -9.63
C HIS A 253 -2.52 2.06 -10.13
N ARG A 254 -2.75 1.01 -9.30
CA ARG A 254 -2.50 -0.36 -9.72
C ARG A 254 -3.39 -0.66 -10.91
N THR A 255 -4.67 -0.26 -10.93
CA THR A 255 -5.55 -0.53 -12.06
C THR A 255 -4.95 0.12 -13.29
N LEU A 256 -4.38 1.33 -13.23
CA LEU A 256 -3.78 1.97 -14.41
C LEU A 256 -2.54 1.26 -14.94
N VAL A 257 -1.60 0.96 -14.07
CA VAL A 257 -0.36 0.38 -14.53
C VAL A 257 -0.49 -1.14 -14.80
N TYR A 258 -1.41 -1.84 -14.12
CA TYR A 258 -1.53 -3.26 -14.28
C TYR A 258 -2.78 -3.70 -15.03
N GLY A 259 -3.84 -2.89 -15.13
CA GLY A 259 -5.07 -3.28 -15.80
C GLY A 259 -5.96 -3.96 -14.79
N GLY A 260 -7.23 -4.14 -15.10
CA GLY A 260 -8.16 -4.74 -14.15
C GLY A 260 -9.33 -3.84 -13.97
N ILE A 261 -10.11 -4.07 -12.91
CA ILE A 261 -11.29 -3.26 -12.65
C ILE A 261 -11.29 -2.91 -11.16
N PHE A 262 -11.72 -1.71 -10.84
CA PHE A 262 -11.84 -1.28 -9.47
C PHE A 262 -13.28 -0.79 -9.35
N MET A 263 -13.93 -1.16 -8.25
CA MET A 263 -15.34 -0.89 -8.00
C MET A 263 -15.69 -0.32 -6.65
N TYR A 264 -16.43 0.77 -6.59
CA TYR A 264 -17.03 1.13 -5.33
C TYR A 264 -18.47 1.49 -5.70
N PRO A 265 -19.34 0.47 -5.82
CA PRO A 265 -20.75 0.63 -6.16
C PRO A 265 -21.54 1.01 -4.91
N ALA A 266 -22.82 1.22 -5.12
CA ALA A 266 -23.65 1.53 -4.00
C ALA A 266 -24.08 0.31 -3.19
N ASN A 267 -23.71 0.40 -1.93
CA ASN A 267 -24.06 -0.55 -0.91
C ASN A 267 -25.20 0.17 -0.17
N LYS A 268 -26.13 -0.44 0.55
CA LYS A 268 -27.26 0.28 1.12
C LYS A 268 -26.90 1.29 2.21
N LYS A 269 -25.71 1.25 2.81
CA LYS A 269 -25.26 2.26 3.76
C LYS A 269 -24.71 3.51 3.03
N SER A 270 -24.37 3.38 1.74
CA SER A 270 -23.95 4.49 0.91
C SER A 270 -24.63 4.24 -0.46
N PRO A 271 -25.97 4.41 -0.62
CA PRO A 271 -26.73 4.14 -1.85
C PRO A 271 -26.53 5.08 -3.05
N LYS A 272 -25.79 6.18 -2.81
CA LYS A 272 -25.31 7.06 -3.89
C LYS A 272 -23.88 6.68 -4.20
N GLY A 273 -23.28 5.81 -3.39
CA GLY A 273 -21.88 5.52 -3.49
C GLY A 273 -21.23 6.27 -2.34
N LYS A 274 -19.95 6.03 -2.10
CA LYS A 274 -19.21 6.65 -1.02
C LYS A 274 -18.39 7.79 -1.56
N LEU A 275 -17.78 7.58 -2.72
CA LEU A 275 -16.75 8.48 -3.19
C LEU A 275 -17.36 9.72 -3.83
N ARG A 276 -16.70 10.85 -3.63
CA ARG A 276 -17.26 12.13 -4.02
C ARG A 276 -16.96 12.40 -5.46
N LEU A 277 -17.99 12.81 -6.15
CA LEU A 277 -17.88 13.08 -7.56
C LEU A 277 -16.86 14.12 -7.97
N LEU A 278 -16.90 15.35 -7.47
CA LEU A 278 -16.05 16.40 -8.02
C LEU A 278 -14.56 16.22 -7.78
N TYR A 279 -14.22 15.66 -6.62
CA TYR A 279 -12.81 15.56 -6.33
C TYR A 279 -12.25 14.18 -6.05
N GLU A 280 -13.02 13.11 -6.27
CA GLU A 280 -12.50 11.76 -6.20
C GLU A 280 -12.90 11.05 -7.47
N CYS A 281 -14.18 10.87 -7.77
CA CYS A 281 -14.60 10.12 -8.97
C CYS A 281 -14.22 10.77 -10.29
N ASN A 282 -14.53 12.05 -10.51
CA ASN A 282 -14.23 12.70 -11.79
C ASN A 282 -12.74 12.82 -12.15
N PRO A 283 -11.78 13.20 -11.29
CA PRO A 283 -10.37 13.16 -11.61
C PRO A 283 -9.90 11.78 -12.10
N MET A 284 -10.18 10.78 -11.28
CA MET A 284 -9.82 9.42 -11.58
C MET A 284 -10.45 8.93 -12.86
N ALA A 285 -11.70 9.29 -13.12
CA ALA A 285 -12.35 8.89 -14.35
C ALA A 285 -11.79 9.61 -15.56
N TYR A 286 -11.33 10.84 -15.39
CA TYR A 286 -10.77 11.60 -16.53
C TYR A 286 -9.43 10.97 -16.84
N VAL A 287 -8.68 10.57 -15.81
CA VAL A 287 -7.39 9.92 -16.05
C VAL A 287 -7.62 8.60 -16.79
N MET A 288 -8.58 7.79 -16.31
CA MET A 288 -8.89 6.49 -16.93
C MET A 288 -9.28 6.64 -18.37
N GLU A 289 -10.20 7.55 -18.70
CA GLU A 289 -10.61 7.70 -20.08
C GLU A 289 -9.47 8.23 -20.92
N LYS A 290 -8.60 9.15 -20.47
CA LYS A 290 -7.41 9.51 -21.22
C LYS A 290 -6.40 8.39 -21.52
N ALA A 291 -6.36 7.39 -20.65
CA ALA A 291 -5.51 6.22 -20.83
C ALA A 291 -6.23 5.13 -21.65
N GLY A 292 -7.46 5.31 -22.11
CA GLY A 292 -8.18 4.30 -22.87
C GLY A 292 -9.02 3.36 -22.00
N GLY A 293 -9.24 3.72 -20.76
CA GLY A 293 -10.05 2.96 -19.84
C GLY A 293 -11.46 3.53 -19.84
N LEU A 294 -12.37 3.03 -19.02
CA LEU A 294 -13.74 3.50 -19.01
C LEU A 294 -14.09 3.76 -17.58
N ALA A 295 -15.10 4.56 -17.30
CA ALA A 295 -15.46 4.87 -15.94
C ALA A 295 -16.96 5.07 -15.86
N THR A 296 -17.68 4.18 -15.15
CA THR A 296 -19.13 4.21 -15.12
C THR A 296 -19.66 4.06 -13.73
N THR A 297 -20.89 4.50 -13.56
CA THR A 297 -21.65 4.32 -12.34
C THR A 297 -22.35 2.95 -12.38
N GLY A 298 -22.32 2.33 -13.57
CA GLY A 298 -23.11 1.16 -13.86
C GLY A 298 -24.36 1.56 -14.68
N LYS A 299 -24.69 2.85 -14.68
CA LYS A 299 -25.82 3.37 -15.44
C LYS A 299 -25.40 4.45 -16.43
N GLU A 300 -24.53 5.39 -16.04
CA GLU A 300 -24.00 6.41 -16.95
C GLU A 300 -22.48 6.55 -16.81
N ALA A 301 -21.91 7.28 -17.77
CA ALA A 301 -20.49 7.60 -17.74
C ALA A 301 -20.32 8.60 -16.61
N VAL A 302 -19.36 8.38 -15.71
CA VAL A 302 -19.16 9.26 -14.56
C VAL A 302 -18.92 10.72 -14.98
N LEU A 303 -18.17 10.89 -16.06
CA LEU A 303 -17.76 12.21 -16.53
C LEU A 303 -18.87 13.03 -17.13
N ASP A 304 -20.01 12.42 -17.43
CA ASP A 304 -21.13 13.09 -18.05
C ASP A 304 -22.23 13.42 -17.07
N ILE A 305 -22.05 13.12 -15.78
CA ILE A 305 -22.99 13.48 -14.74
C ILE A 305 -22.87 14.99 -14.57
N VAL A 306 -23.99 15.70 -14.47
CA VAL A 306 -23.99 17.14 -14.28
C VAL A 306 -24.26 17.35 -12.79
N PRO A 307 -23.27 17.83 -12.01
CA PRO A 307 -23.35 17.87 -10.55
C PRO A 307 -24.30 18.94 -10.06
N THR A 308 -24.98 18.70 -8.95
CA THR A 308 -25.83 19.70 -8.35
C THR A 308 -25.31 20.17 -7.01
N ASP A 309 -24.41 19.44 -6.33
CA ASP A 309 -23.89 19.86 -5.03
C ASP A 309 -22.41 19.58 -5.14
N ILE A 310 -21.56 20.41 -4.56
CA ILE A 310 -20.14 20.19 -4.72
C ILE A 310 -19.62 19.00 -3.95
N HIS A 311 -20.41 18.48 -3.02
CA HIS A 311 -19.99 17.34 -2.21
C HIS A 311 -20.80 16.08 -2.49
N GLN A 312 -21.51 16.04 -3.62
CA GLN A 312 -22.30 14.88 -3.98
C GLN A 312 -21.42 13.70 -4.33
N ARG A 313 -21.95 12.52 -4.08
CA ARG A 313 -21.24 11.26 -4.24
C ARG A 313 -21.77 10.58 -5.48
N ALA A 314 -21.05 9.60 -5.96
CA ALA A 314 -21.47 8.81 -7.11
C ALA A 314 -20.90 7.40 -6.94
N PRO A 315 -21.53 6.37 -7.54
CA PRO A 315 -20.97 5.03 -7.66
C PRO A 315 -19.85 5.08 -8.69
N ILE A 316 -18.80 4.28 -8.55
CA ILE A 316 -17.76 4.27 -9.56
C ILE A 316 -17.29 2.85 -9.90
N ILE A 317 -17.10 2.54 -11.16
CA ILE A 317 -16.54 1.29 -11.65
C ILE A 317 -15.57 1.74 -12.74
N LEU A 318 -14.25 1.58 -12.64
CA LEU A 318 -13.36 2.07 -13.67
C LEU A 318 -12.31 1.01 -13.99
N GLY A 319 -11.63 1.07 -15.13
CA GLY A 319 -10.55 0.17 -15.38
C GLY A 319 -10.44 -0.20 -16.84
N SER A 320 -9.80 -1.33 -17.11
CA SER A 320 -9.65 -1.86 -18.45
C SER A 320 -10.97 -1.96 -19.19
N PRO A 321 -11.05 -1.46 -20.43
CA PRO A 321 -12.25 -1.51 -21.25
C PRO A 321 -13.04 -2.83 -21.30
N GLU A 322 -12.44 -4.00 -21.52
CA GLU A 322 -13.22 -5.21 -21.64
C GLU A 322 -13.82 -5.61 -20.30
N ASP A 323 -13.09 -5.42 -19.22
CA ASP A 323 -13.64 -5.77 -17.92
C ASP A 323 -14.81 -4.91 -17.51
N VAL A 324 -14.80 -3.60 -17.83
CA VAL A 324 -15.89 -2.70 -17.45
C VAL A 324 -17.13 -2.92 -18.35
N THR A 325 -16.92 -3.17 -19.65
CA THR A 325 -17.99 -3.53 -20.55
C THR A 325 -18.68 -4.79 -20.05
N GLU A 326 -17.92 -5.83 -19.70
CA GLU A 326 -18.50 -7.07 -19.19
C GLU A 326 -19.44 -6.80 -18.04
N LEU A 327 -18.99 -5.95 -17.12
CA LEU A 327 -19.83 -5.60 -16.00
C LEU A 327 -21.01 -4.75 -16.49
N LEU A 328 -20.86 -3.92 -17.53
CA LEU A 328 -22.01 -3.18 -18.00
C LEU A 328 -23.00 -4.11 -18.65
N GLU A 329 -22.56 -5.21 -19.25
CA GLU A 329 -23.48 -6.16 -19.84
C GLU A 329 -24.21 -6.96 -18.75
N ILE A 330 -23.67 -7.22 -17.56
CA ILE A 330 -24.45 -7.83 -16.49
C ILE A 330 -25.44 -6.78 -15.96
N TYR A 331 -25.17 -5.46 -15.92
CA TYR A 331 -26.15 -4.47 -15.47
C TYR A 331 -27.38 -4.42 -16.39
N GLN A 332 -27.14 -4.40 -17.71
CA GLN A 332 -28.25 -4.40 -18.63
C GLN A 332 -28.86 -5.79 -18.85
N LYS A 333 -28.18 -6.94 -18.77
CA LYS A 333 -28.85 -8.24 -18.77
C LYS A 333 -29.64 -8.34 -17.49
N HIS A 334 -29.68 -7.33 -16.63
CA HIS A 334 -30.52 -7.30 -15.46
C HIS A 334 -31.61 -6.23 -15.53
N ALA A 335 -32.08 -6.01 -16.76
CA ALA A 335 -33.23 -5.19 -17.11
C ALA A 335 -34.09 -6.00 -18.13
N ALA B 5 12.71 22.04 17.93
CA ALA B 5 12.94 20.80 17.20
C ALA B 5 14.45 20.56 17.41
N PHE B 6 15.11 19.57 16.79
CA PHE B 6 16.45 19.09 17.15
C PHE B 6 16.26 18.52 18.57
N ASP B 7 15.93 17.23 18.59
CA ASP B 7 15.73 16.53 19.85
C ASP B 7 17.10 16.10 20.32
N THR B 8 17.40 16.27 21.60
CA THR B 8 18.73 15.93 22.09
C THR B 8 18.76 14.54 22.69
N ASN B 9 17.69 13.80 22.67
CA ASN B 9 17.73 12.49 23.27
C ASN B 9 16.93 11.49 22.41
N ILE B 10 17.50 11.35 21.21
CA ILE B 10 17.07 10.43 20.15
C ILE B 10 17.11 8.94 20.62
N VAL B 11 16.04 8.11 20.61
CA VAL B 11 16.17 6.70 20.93
C VAL B 11 16.20 5.93 19.60
N THR B 12 17.37 5.50 19.17
CA THR B 12 17.54 4.82 17.89
C THR B 12 17.36 3.35 18.16
N LEU B 13 17.20 2.54 17.09
CA LEU B 13 17.14 1.11 17.27
C LEU B 13 18.42 0.60 17.96
N THR B 14 19.61 1.05 17.60
CA THR B 14 20.87 0.64 18.20
C THR B 14 20.85 0.92 19.69
N ARG B 15 20.42 2.12 20.09
CA ARG B 15 20.37 2.46 21.50
C ARG B 15 19.40 1.55 22.25
N PHE B 16 18.25 1.28 21.65
CA PHE B 16 17.27 0.45 22.29
C PHE B 16 17.79 -0.95 22.55
N VAL B 17 18.28 -1.63 21.51
CA VAL B 17 18.75 -2.99 21.59
C VAL B 17 19.92 -3.03 22.56
N MET B 18 20.78 -2.01 22.59
CA MET B 18 21.84 -1.91 23.57
C MET B 18 21.32 -1.81 24.98
N GLU B 19 20.45 -0.87 25.33
CA GLU B 19 19.89 -0.81 26.65
C GLU B 19 19.14 -2.10 27.03
N GLN B 20 18.68 -2.97 26.12
CA GLN B 20 18.15 -4.26 26.56
C GLN B 20 19.26 -5.29 26.70
N GLY B 21 20.01 -5.49 25.64
CA GLY B 21 21.09 -6.47 25.54
C GLY B 21 22.15 -6.32 26.63
N ARG B 22 22.38 -5.10 27.12
CA ARG B 22 23.30 -4.84 28.23
C ARG B 22 22.64 -5.35 29.51
N LYS B 23 21.32 -5.13 29.72
CA LYS B 23 20.69 -5.65 30.92
C LYS B 23 20.66 -7.18 30.91
N ALA B 24 20.92 -7.81 29.76
CA ALA B 24 21.02 -9.27 29.61
C ALA B 24 22.43 -9.90 29.54
N ARG B 25 23.51 -9.10 29.64
CA ARG B 25 24.93 -9.51 29.56
C ARG B 25 25.37 -10.22 28.26
N GLY B 26 24.84 -9.68 27.15
CA GLY B 26 25.09 -10.22 25.82
C GLY B 26 26.41 -9.72 25.27
N THR B 27 26.99 -10.46 24.30
CA THR B 27 28.30 -10.16 23.69
C THR B 27 28.43 -8.97 22.71
N GLY B 28 27.38 -8.14 22.48
CA GLY B 28 27.46 -7.04 21.52
C GLY B 28 27.12 -7.49 20.11
N GLU B 29 27.14 -8.81 19.85
CA GLU B 29 26.85 -9.38 18.56
C GLU B 29 25.49 -9.05 17.98
N MET B 30 24.44 -9.04 18.78
CA MET B 30 23.11 -8.76 18.30
C MET B 30 23.00 -7.31 17.80
N THR B 31 23.56 -6.36 18.53
CA THR B 31 23.55 -4.97 18.17
C THR B 31 24.23 -4.80 16.82
N GLN B 32 25.36 -5.49 16.61
CA GLN B 32 26.13 -5.38 15.39
C GLN B 32 25.34 -5.96 14.26
N LEU B 33 24.74 -7.12 14.50
CA LEU B 33 23.94 -7.80 13.49
C LEU B 33 22.82 -6.88 13.02
N LEU B 34 22.03 -6.33 13.94
CA LEU B 34 20.91 -5.50 13.57
C LEU B 34 21.33 -4.13 13.06
N ASN B 35 22.42 -3.56 13.55
CA ASN B 35 22.93 -2.29 13.05
C ASN B 35 23.29 -2.45 11.57
N SER B 36 23.95 -3.57 11.20
CA SER B 36 24.25 -3.99 9.82
C SER B 36 23.03 -4.07 8.95
N LEU B 37 22.00 -4.72 9.48
CA LEU B 37 20.75 -4.94 8.79
C LEU B 37 20.03 -3.63 8.49
N CYS B 38 20.06 -2.73 9.46
CA CYS B 38 19.57 -1.37 9.27
C CYS B 38 20.31 -0.66 8.14
N THR B 39 21.63 -0.72 8.01
CA THR B 39 22.29 -0.18 6.84
C THR B 39 21.73 -0.71 5.52
N ALA B 40 21.56 -2.01 5.36
CA ALA B 40 20.94 -2.59 4.17
C ALA B 40 19.50 -2.09 3.99
N VAL B 41 18.69 -1.99 5.05
CA VAL B 41 17.33 -1.49 4.96
C VAL B 41 17.27 -0.02 4.47
N LYS B 42 18.07 0.91 4.95
CA LYS B 42 18.09 2.26 4.41
C LYS B 42 18.53 2.27 2.96
N ALA B 43 19.49 1.45 2.57
CA ALA B 43 19.94 1.40 1.20
C ALA B 43 18.82 0.89 0.28
N ILE B 44 18.05 -0.11 0.69
CA ILE B 44 17.00 -0.59 -0.17
C ILE B 44 15.87 0.42 -0.20
N SER B 45 15.54 1.03 0.93
CA SER B 45 14.51 2.04 0.99
C SER B 45 14.75 3.14 -0.04
N THR B 46 15.98 3.68 -0.09
CA THR B 46 16.36 4.74 -1.02
C THR B 46 16.29 4.28 -2.46
N ALA B 47 16.73 3.07 -2.77
CA ALA B 47 16.62 2.54 -4.11
C ALA B 47 15.18 2.40 -4.58
N VAL B 48 14.32 1.88 -3.70
CA VAL B 48 12.90 1.73 -4.01
C VAL B 48 12.34 3.13 -4.18
N ARG B 49 12.74 4.14 -3.40
CA ARG B 49 12.13 5.46 -3.50
C ARG B 49 12.44 6.15 -4.81
N LYS B 50 13.50 5.73 -5.51
CA LYS B 50 13.87 6.28 -6.81
C LYS B 50 13.75 5.28 -7.95
N ALA B 51 13.19 4.08 -7.79
CA ALA B 51 13.22 3.03 -8.81
C ALA B 51 12.71 3.36 -10.20
N GLY B 52 11.70 4.21 -10.33
CA GLY B 52 11.20 4.55 -11.67
C GLY B 52 12.05 5.60 -12.37
N ILE B 53 12.79 6.38 -11.59
CA ILE B 53 13.67 7.43 -12.09
C ILE B 53 14.95 6.80 -12.60
N ALA B 54 15.33 5.67 -11.94
CA ALA B 54 16.54 4.93 -12.18
C ALA B 54 16.58 4.13 -13.50
N HIS B 55 15.50 3.75 -14.00
N LYS B 72 15.80 -8.22 -10.51
CA LYS B 72 17.12 -7.55 -10.50
C LYS B 72 17.37 -6.75 -9.22
N LEU B 73 16.44 -5.91 -8.75
CA LEU B 73 16.60 -5.26 -7.45
C LEU B 73 16.47 -6.25 -6.31
N ASP B 74 15.68 -7.32 -6.46
CA ASP B 74 15.69 -8.46 -5.52
C ASP B 74 17.09 -9.03 -5.43
N VAL B 75 17.74 -9.28 -6.56
CA VAL B 75 19.11 -9.76 -6.62
C VAL B 75 20.10 -8.78 -6.02
N LEU B 76 20.13 -7.51 -6.39
CA LEU B 76 20.99 -6.54 -5.73
C LEU B 76 20.69 -6.40 -4.24
N SER B 77 19.43 -6.38 -3.84
CA SER B 77 19.09 -6.38 -2.43
C SER B 77 19.66 -7.58 -1.69
N ASN B 78 19.59 -8.77 -2.29
CA ASN B 78 20.10 -10.00 -1.74
C ASN B 78 21.60 -9.91 -1.42
N ASP B 79 22.35 -9.45 -2.40
CA ASP B 79 23.77 -9.33 -2.27
C ASP B 79 24.16 -8.34 -1.19
N LEU B 80 23.46 -7.21 -1.14
CA LEU B 80 23.75 -6.26 -0.10
C LEU B 80 23.47 -6.85 1.28
N VAL B 81 22.34 -7.53 1.50
CA VAL B 81 22.03 -8.05 2.82
C VAL B 81 23.07 -9.11 3.19
N ILE B 82 23.50 -10.01 2.31
CA ILE B 82 24.54 -10.98 2.65
C ILE B 82 25.84 -10.28 3.03
N ASN B 83 26.30 -9.31 2.23
CA ASN B 83 27.51 -8.60 2.55
C ASN B 83 27.46 -7.83 3.86
N VAL B 84 26.37 -7.17 4.28
CA VAL B 84 26.44 -6.48 5.56
C VAL B 84 26.33 -7.52 6.67
N LEU B 85 25.59 -8.61 6.48
CA LEU B 85 25.53 -9.62 7.53
C LEU B 85 26.85 -10.31 7.79
N LYS B 86 27.59 -10.72 6.79
CA LYS B 86 28.91 -11.29 7.00
C LYS B 86 29.88 -10.33 7.68
N SER B 87 29.83 -9.05 7.31
CA SER B 87 30.68 -8.06 7.95
C SER B 87 30.24 -7.64 9.35
N SER B 88 29.15 -8.22 9.85
CA SER B 88 28.74 -7.87 11.19
C SER B 88 29.58 -8.62 12.24
N PHE B 89 30.20 -9.72 11.77
CA PHE B 89 30.98 -10.66 12.56
C PHE B 89 30.06 -11.25 13.61
N ALA B 90 28.77 -11.38 13.30
CA ALA B 90 27.78 -11.93 14.22
C ALA B 90 27.08 -13.10 13.60
N THR B 91 27.32 -13.53 12.35
CA THR B 91 26.54 -14.63 11.76
C THR B 91 27.40 -15.83 11.35
N CYS B 92 26.77 -16.96 11.09
CA CYS B 92 27.51 -18.09 10.59
C CYS B 92 26.78 -18.87 9.51
N VAL B 93 25.44 -18.85 9.46
CA VAL B 93 24.70 -19.50 8.39
C VAL B 93 23.65 -18.49 7.92
N LEU B 94 23.49 -18.23 6.62
CA LEU B 94 22.48 -17.30 6.15
C LEU B 94 21.55 -18.05 5.21
N VAL B 95 20.23 -17.85 5.23
CA VAL B 95 19.33 -18.49 4.31
C VAL B 95 18.52 -17.40 3.62
N THR B 96 18.46 -17.39 2.29
CA THR B 96 17.74 -16.42 1.46
C THR B 96 16.70 -17.14 0.64
N GLU B 97 15.62 -16.46 0.22
CA GLU B 97 14.71 -16.95 -0.80
C GLU B 97 15.44 -17.23 -2.11
N GLU B 98 16.31 -16.27 -2.46
CA GLU B 98 17.12 -16.29 -3.68
C GLU B 98 18.14 -17.38 -3.84
N ASP B 99 18.83 -17.73 -2.77
CA ASP B 99 19.88 -18.72 -2.88
C ASP B 99 19.39 -20.11 -2.50
N LYS B 100 19.70 -21.05 -3.38
CA LYS B 100 19.23 -22.42 -3.24
C LYS B 100 19.68 -23.12 -1.96
N ASN B 101 20.89 -22.83 -1.49
CA ASN B 101 21.42 -23.51 -0.34
C ASN B 101 21.84 -22.47 0.64
N ALA B 102 21.93 -22.85 1.91
CA ALA B 102 22.39 -21.94 2.96
C ALA B 102 23.80 -21.44 2.73
N ILE B 103 24.11 -20.18 3.08
CA ILE B 103 25.44 -19.59 2.94
C ILE B 103 26.16 -19.73 4.28
N ILE B 104 27.30 -20.42 4.30
CA ILE B 104 28.04 -20.61 5.52
C ILE B 104 29.11 -19.54 5.49
N VAL B 105 29.29 -18.75 6.57
CA VAL B 105 30.25 -17.63 6.58
C VAL B 105 31.68 -18.08 6.91
N GLU B 106 32.64 -17.44 6.24
CA GLU B 106 34.09 -17.60 6.39
C GLU B 106 34.51 -17.50 7.87
N PRO B 107 35.33 -18.42 8.38
CA PRO B 107 35.75 -18.47 9.78
C PRO B 107 36.20 -17.16 10.44
N GLU B 108 36.87 -16.29 9.72
CA GLU B 108 37.31 -15.01 10.27
C GLU B 108 36.13 -14.11 10.65
N LYS B 109 35.06 -14.23 9.88
CA LYS B 109 33.89 -13.42 10.06
C LYS B 109 32.75 -14.05 10.83
N ARG B 110 32.88 -15.31 11.23
CA ARG B 110 31.81 -15.97 11.91
C ARG B 110 31.57 -15.49 13.31
N GLY B 111 30.29 -15.44 13.63
CA GLY B 111 29.75 -15.10 14.93
C GLY B 111 28.72 -16.20 15.18
N LYS B 112 27.80 -16.01 16.11
CA LYS B 112 26.94 -17.11 16.45
C LYS B 112 25.51 -17.17 15.97
N TYR B 113 25.08 -16.30 15.07
CA TYR B 113 23.68 -16.32 14.70
C TYR B 113 23.42 -16.84 13.30
N VAL B 114 22.22 -17.36 13.17
CA VAL B 114 21.73 -17.93 11.94
C VAL B 114 20.69 -16.90 11.51
N VAL B 115 20.70 -16.32 10.30
CA VAL B 115 19.68 -15.37 9.90
C VAL B 115 19.00 -15.95 8.69
N CYS B 116 17.70 -15.96 8.66
CA CYS B 116 16.93 -16.40 7.50
C CYS B 116 16.22 -15.15 6.98
N PHE B 117 16.33 -14.74 5.73
CA PHE B 117 15.73 -13.51 5.29
C PHE B 117 15.12 -13.54 3.91
N ASP B 118 14.03 -12.80 3.83
CA ASP B 118 13.44 -12.54 2.55
C ASP B 118 13.86 -11.11 2.22
N PRO B 119 14.75 -10.88 1.26
CA PRO B 119 15.36 -9.58 1.00
C PRO B 119 14.45 -8.51 0.41
N LEU B 120 13.60 -8.83 -0.55
CA LEU B 120 12.74 -7.84 -1.15
C LEU B 120 11.49 -8.60 -1.56
N ASP B 121 10.64 -8.78 -0.56
CA ASP B 121 9.41 -9.53 -0.69
C ASP B 121 8.48 -8.85 -1.67
N GLY B 122 8.00 -9.67 -2.58
CA GLY B 122 7.14 -9.29 -3.69
C GLY B 122 7.66 -8.14 -4.55
N SER B 123 8.89 -8.22 -5.07
CA SER B 123 9.48 -7.18 -5.93
C SER B 123 8.73 -6.81 -7.24
N SER B 124 7.78 -7.62 -7.72
CA SER B 124 6.95 -7.29 -8.87
C SER B 124 5.91 -6.23 -8.52
N ASN B 125 5.66 -6.07 -7.22
CA ASN B 125 4.73 -5.08 -6.73
C ASN B 125 5.32 -3.69 -6.84
N ILE B 126 6.61 -3.51 -7.10
CA ILE B 126 7.25 -2.18 -7.25
C ILE B 126 6.66 -1.38 -8.41
N ASP B 127 6.40 -2.05 -9.52
CA ASP B 127 5.87 -1.45 -10.73
C ASP B 127 4.59 -0.67 -10.56
N CYS B 128 3.82 -1.10 -9.56
CA CYS B 128 2.53 -0.58 -9.17
C CYS B 128 2.60 0.26 -7.91
N LEU B 129 3.82 0.45 -7.41
CA LEU B 129 4.13 1.18 -6.20
C LEU B 129 3.43 0.66 -4.95
N VAL B 130 3.28 -0.67 -4.88
CA VAL B 130 2.65 -1.37 -3.76
C VAL B 130 3.79 -1.56 -2.76
N SER B 131 3.53 -1.23 -1.49
CA SER B 131 4.53 -1.29 -0.45
C SER B 131 5.03 -2.72 -0.26
N ILE B 132 6.33 -2.98 -0.27
CA ILE B 132 6.92 -4.30 -0.14
C ILE B 132 7.86 -4.29 1.06
N GLY B 133 8.57 -5.33 1.44
CA GLY B 133 9.32 -5.29 2.68
C GLY B 133 10.44 -6.28 2.71
N THR B 134 11.23 -6.28 3.79
CA THR B 134 12.35 -7.18 4.01
C THR B 134 11.91 -7.94 5.25
N ILE B 135 11.97 -9.26 5.30
CA ILE B 135 11.50 -10.03 6.47
C ILE B 135 12.70 -10.78 7.00
N PHE B 136 12.92 -10.88 8.31
CA PHE B 136 14.08 -11.60 8.79
C PHE B 136 13.79 -12.36 10.08
N GLY B 137 14.49 -13.47 10.26
CA GLY B 137 14.38 -14.29 11.48
C GLY B 137 15.79 -14.62 11.93
N ILE B 138 16.06 -14.55 13.23
CA ILE B 138 17.41 -14.72 13.72
C ILE B 138 17.38 -15.82 14.77
N TYR B 139 18.24 -16.81 14.59
CA TYR B 139 18.36 -17.93 15.52
C TYR B 139 19.74 -17.87 16.11
N ARG B 140 19.95 -18.53 17.24
CA ARG B 140 21.30 -18.62 17.75
C ARG B 140 21.81 -20.00 17.31
N LYS B 141 23.06 -20.21 16.88
CA LYS B 141 23.53 -21.55 16.55
C LYS B 141 23.83 -22.22 17.89
N ASN B 142 23.13 -23.34 17.99
CA ASN B 142 23.14 -24.11 19.21
C ASN B 142 24.11 -25.29 19.23
N SER B 143 24.37 -25.85 18.05
CA SER B 143 25.24 -26.99 17.95
C SER B 143 26.69 -26.60 18.21
N THR B 144 27.42 -27.67 18.51
CA THR B 144 28.84 -27.63 18.70
C THR B 144 29.48 -27.90 17.34
N ASP B 145 28.79 -28.53 16.36
CA ASP B 145 29.42 -28.83 15.08
C ASP B 145 29.70 -27.68 14.11
N GLU B 146 30.16 -28.01 12.92
CA GLU B 146 30.56 -27.05 11.91
C GLU B 146 29.30 -26.42 11.30
N PRO B 147 29.18 -25.09 11.13
CA PRO B 147 28.01 -24.44 10.54
C PRO B 147 27.57 -25.16 9.29
N SER B 148 26.31 -25.58 9.24
CA SER B 148 25.76 -26.22 8.08
C SER B 148 24.33 -25.73 7.90
N GLU B 149 23.53 -26.07 6.87
CA GLU B 149 22.17 -25.58 6.84
C GLU B 149 21.24 -26.21 7.84
N LYS B 150 21.73 -27.20 8.57
CA LYS B 150 21.01 -27.88 9.65
C LYS B 150 20.77 -26.89 10.80
N ASP B 151 21.71 -25.97 10.97
CA ASP B 151 21.62 -24.93 11.97
C ASP B 151 20.44 -24.00 11.70
N ALA B 152 20.11 -23.88 10.42
CA ALA B 152 18.93 -23.13 10.00
C ALA B 152 17.63 -23.92 10.23
N LEU B 153 17.58 -25.27 10.32
CA LEU B 153 16.32 -26.02 10.44
C LEU B 153 15.73 -26.18 11.86
N GLN B 154 15.59 -25.05 12.58
CA GLN B 154 15.02 -25.01 13.93
C GLN B 154 13.55 -24.58 13.86
N PRO B 155 12.60 -25.00 14.69
CA PRO B 155 11.23 -24.50 14.64
C PRO B 155 11.20 -23.01 15.03
N GLY B 156 10.28 -22.23 14.47
CA GLY B 156 10.13 -20.81 14.81
C GLY B 156 10.21 -20.48 16.29
N ARG B 157 9.77 -21.41 17.14
CA ARG B 157 9.79 -21.23 18.59
C ARG B 157 11.17 -20.85 19.14
N ASN B 158 12.21 -21.23 18.45
CA ASN B 158 13.55 -20.94 18.89
C ASN B 158 14.10 -19.57 18.47
N LEU B 159 13.32 -18.74 17.77
CA LEU B 159 13.83 -17.47 17.26
C LEU B 159 14.21 -16.55 18.38
N VAL B 160 15.40 -15.97 18.27
CA VAL B 160 15.81 -14.99 19.26
C VAL B 160 15.34 -13.57 18.85
N ALA B 161 15.05 -13.28 17.57
CA ALA B 161 14.59 -11.97 17.16
C ALA B 161 14.02 -12.18 15.78
N ALA B 162 12.98 -11.46 15.37
CA ALA B 162 12.44 -11.61 14.03
C ALA B 162 11.81 -10.28 13.70
N GLY B 163 11.52 -9.98 12.45
CA GLY B 163 10.91 -8.72 12.15
C GLY B 163 10.85 -8.47 10.67
N TYR B 164 10.56 -7.23 10.32
CA TYR B 164 10.40 -6.81 8.94
C TYR B 164 10.58 -5.30 8.83
N ALA B 165 10.81 -4.90 7.62
CA ALA B 165 11.01 -3.53 7.27
C ALA B 165 9.95 -3.29 6.20
N LEU B 166 9.03 -2.35 6.35
CA LEU B 166 8.04 -2.00 5.34
C LEU B 166 8.54 -0.76 4.57
N TYR B 167 8.67 -0.82 3.23
CA TYR B 167 9.06 0.33 2.44
C TYR B 167 7.79 0.96 1.91
N GLY B 168 7.19 1.87 2.65
CA GLY B 168 5.92 2.42 2.22
C GLY B 168 5.98 3.95 2.14
N SER B 169 4.89 4.64 2.47
CA SER B 169 4.85 6.08 2.54
C SER B 169 5.90 6.55 3.55
N ALA B 170 6.19 5.70 4.55
CA ALA B 170 7.30 5.85 5.50
C ALA B 170 8.05 4.49 5.56
N THR B 171 9.30 4.39 6.04
CA THR B 171 9.95 3.08 6.22
C THR B 171 9.86 2.76 7.72
N MET B 172 9.22 1.66 8.02
CA MET B 172 9.04 1.24 9.39
C MET B 172 9.81 -0.05 9.59
N LEU B 173 10.61 -0.18 10.63
CA LEU B 173 11.25 -1.42 10.99
C LEU B 173 10.50 -1.88 12.24
N VAL B 174 9.90 -3.05 12.17
CA VAL B 174 9.21 -3.64 13.30
C VAL B 174 10.08 -4.76 13.83
N LEU B 175 10.51 -4.72 15.09
CA LEU B 175 11.42 -5.71 15.68
C LEU B 175 10.77 -6.43 16.86
N ALA B 176 10.70 -7.76 16.83
CA ALA B 176 10.17 -8.53 17.98
C ALA B 176 11.31 -9.30 18.64
N MET B 177 11.46 -9.15 19.93
CA MET B 177 12.47 -9.89 20.62
C MET B 177 11.78 -10.54 21.79
N VAL B 178 12.46 -11.24 22.70
CA VAL B 178 11.76 -11.94 23.76
C VAL B 178 10.82 -11.07 24.59
N ASN B 179 11.21 -9.81 24.78
CA ASN B 179 10.39 -8.88 25.53
C ASN B 179 9.19 -8.24 24.88
N GLY B 180 9.00 -8.30 23.58
CA GLY B 180 7.83 -7.68 22.96
C GLY B 180 8.16 -7.11 21.59
N VAL B 181 7.20 -6.40 20.97
CA VAL B 181 7.31 -5.84 19.63
C VAL B 181 7.44 -4.34 19.75
N ASN B 182 8.39 -3.76 19.06
CA ASN B 182 8.60 -2.33 19.04
C ASN B 182 8.70 -1.88 17.60
N CYS B 183 8.14 -0.70 17.30
CA CYS B 183 8.20 -0.12 15.95
C CYS B 183 9.17 1.06 15.92
N PHE B 184 9.99 1.14 14.86
CA PHE B 184 10.96 2.20 14.72
C PHE B 184 10.70 2.80 13.34
N MET B 185 10.74 4.12 13.14
CA MET B 185 10.45 4.67 11.81
C MET B 185 11.73 5.30 11.38
N LEU B 186 12.12 5.16 10.14
CA LEU B 186 13.32 5.76 9.64
C LEU B 186 13.08 7.27 9.55
N ASP B 187 13.89 8.06 10.25
CA ASP B 187 13.90 9.51 10.08
C ASP B 187 14.83 9.75 8.90
N PRO B 188 14.32 10.28 7.79
CA PRO B 188 15.08 10.38 6.54
C PRO B 188 16.26 11.38 6.62
N ALA B 189 16.10 12.40 7.45
CA ALA B 189 17.08 13.45 7.57
C ALA B 189 18.33 13.00 8.28
N ILE B 190 18.25 12.17 9.30
CA ILE B 190 19.47 11.73 9.91
C ILE B 190 19.87 10.30 9.57
N GLY B 191 19.05 9.53 8.87
CA GLY B 191 19.36 8.14 8.54
C GLY B 191 19.40 7.22 9.76
N GLU B 192 18.37 7.27 10.59
CA GLU B 192 18.31 6.55 11.86
C GLU B 192 16.92 6.02 12.09
N PHE B 193 16.75 4.84 12.67
CA PHE B 193 15.41 4.36 12.95
C PHE B 193 15.07 4.83 14.36
N ILE B 194 14.03 5.62 14.54
CA ILE B 194 13.64 6.17 15.80
C ILE B 194 12.53 5.33 16.38
N LEU B 195 12.60 4.99 17.67
CA LEU B 195 11.56 4.24 18.33
C LEU B 195 10.29 5.07 18.39
N VAL B 196 9.25 4.57 17.73
CA VAL B 196 8.00 5.29 17.73
C VAL B 196 6.89 4.53 18.42
N ASP B 197 6.89 3.23 18.72
CA ASP B 197 5.79 2.60 19.44
C ASP B 197 6.37 1.45 20.22
N ARG B 198 6.08 1.40 21.51
CA ARG B 198 6.85 0.59 22.40
C ARG B 198 5.95 -0.49 22.88
N ASN B 199 6.43 -1.73 22.84
CA ASN B 199 5.71 -2.90 23.32
C ASN B 199 4.26 -3.00 22.90
N VAL B 200 4.19 -3.11 21.57
CA VAL B 200 2.96 -3.13 20.79
C VAL B 200 2.18 -4.39 21.10
N LYS B 201 0.84 -4.34 21.15
CA LYS B 201 -0.02 -5.52 21.37
C LYS B 201 -1.16 -5.44 20.36
N ILE B 202 -1.58 -6.55 19.73
CA ILE B 202 -2.64 -6.52 18.71
C ILE B 202 -3.98 -6.50 19.41
N LYS B 203 -5.01 -5.94 18.79
CA LYS B 203 -6.34 -6.02 19.36
C LYS B 203 -6.77 -7.47 19.53
N LYS B 204 -7.53 -7.75 20.60
CA LYS B 204 -8.10 -9.06 20.88
C LYS B 204 -8.99 -9.56 19.77
N LYS B 205 -9.80 -8.68 19.22
CA LYS B 205 -10.73 -9.04 18.18
C LYS B 205 -10.69 -7.84 17.25
N GLY B 206 -10.65 -8.07 15.94
CA GLY B 206 -10.53 -7.00 14.97
C GLY B 206 -11.78 -6.88 14.12
N SER B 207 -11.66 -6.30 12.94
CA SER B 207 -12.84 -6.06 12.14
C SER B 207 -12.61 -6.10 10.65
N ILE B 208 -11.45 -6.68 10.30
CA ILE B 208 -11.03 -6.80 8.92
C ILE B 208 -10.47 -8.20 8.75
N TYR B 209 -10.79 -8.83 7.64
CA TYR B 209 -10.26 -10.12 7.29
C TYR B 209 -9.56 -9.86 5.98
N SER B 210 -8.37 -10.42 5.81
CA SER B 210 -7.55 -10.21 4.64
C SER B 210 -7.21 -11.52 3.94
N ILE B 211 -7.77 -11.79 2.76
CA ILE B 211 -7.45 -13.03 2.03
C ILE B 211 -7.64 -12.77 0.54
N ASN B 212 -6.92 -13.45 -0.35
CA ASN B 212 -7.10 -13.24 -1.78
C ASN B 212 -8.34 -14.03 -2.15
N GLU B 213 -9.53 -13.43 -2.31
CA GLU B 213 -10.71 -14.21 -2.61
C GLU B 213 -10.80 -14.59 -4.07
N GLY B 214 -9.85 -14.31 -4.95
CA GLY B 214 -9.92 -14.82 -6.31
C GLY B 214 -9.67 -16.34 -6.33
N TYR B 215 -9.24 -16.92 -5.19
CA TYR B 215 -9.03 -18.36 -5.05
C TYR B 215 -10.25 -19.03 -4.44
N ALA B 216 -11.44 -18.41 -4.35
CA ALA B 216 -12.64 -18.94 -3.66
C ALA B 216 -12.92 -20.39 -3.92
N LYS B 217 -12.74 -20.71 -5.19
CA LYS B 217 -13.00 -21.99 -5.75
C LYS B 217 -12.19 -23.14 -5.15
N GLU B 218 -10.98 -22.84 -4.70
CA GLU B 218 -10.08 -23.83 -4.16
C GLU B 218 -9.95 -23.84 -2.69
N PHE B 219 -10.70 -23.03 -2.00
CA PHE B 219 -10.54 -23.02 -0.57
C PHE B 219 -11.22 -24.25 0.02
N ASP B 220 -10.70 -24.59 1.20
CA ASP B 220 -11.28 -25.66 1.97
C ASP B 220 -12.55 -25.17 2.67
N PRO B 221 -13.39 -26.11 3.10
CA PRO B 221 -14.59 -25.81 3.86
C PRO B 221 -14.47 -24.91 5.09
N ALA B 222 -13.41 -24.96 5.88
CA ALA B 222 -13.34 -24.17 7.09
C ALA B 222 -13.17 -22.73 6.69
N ILE B 223 -12.29 -22.48 5.71
CA ILE B 223 -12.03 -21.17 5.16
C ILE B 223 -13.35 -20.57 4.63
N THR B 224 -14.00 -21.31 3.73
CA THR B 224 -15.24 -20.91 3.09
C THR B 224 -16.33 -20.58 4.11
N GLU B 225 -16.50 -21.40 5.13
CA GLU B 225 -17.50 -21.11 6.13
C GLU B 225 -17.06 -19.82 6.82
N TYR B 226 -15.81 -19.67 7.26
CA TYR B 226 -15.35 -18.46 7.96
C TYR B 226 -15.60 -17.17 7.16
N ILE B 227 -15.31 -17.12 5.86
CA ILE B 227 -15.54 -15.92 5.07
C ILE B 227 -17.02 -15.54 5.06
N GLN B 228 -17.92 -16.52 4.87
CA GLN B 228 -19.36 -16.25 4.91
C GLN B 228 -19.73 -15.71 6.29
N ARG B 229 -19.15 -16.19 7.37
CA ARG B 229 -19.47 -15.65 8.68
C ARG B 229 -18.99 -14.23 8.90
N LYS B 230 -17.97 -13.82 8.13
CA LYS B 230 -17.50 -12.45 8.21
C LYS B 230 -18.40 -11.56 7.36
N LYS B 231 -18.89 -12.00 6.21
CA LYS B 231 -19.77 -11.22 5.32
C LYS B 231 -21.26 -11.14 5.66
N PHE B 232 -21.73 -12.28 6.19
CA PHE B 232 -23.13 -12.50 6.55
C PHE B 232 -23.05 -12.89 7.99
N PRO B 233 -22.72 -12.03 8.93
CA PRO B 233 -22.62 -12.38 10.34
C PRO B 233 -23.94 -13.02 10.80
N PRO B 234 -23.89 -14.28 11.29
CA PRO B 234 -25.07 -15.03 11.77
C PRO B 234 -25.73 -14.29 12.94
N ASP B 235 -24.79 -13.83 13.74
CA ASP B 235 -24.96 -13.03 14.93
C ASP B 235 -25.57 -11.63 14.65
N ASN B 236 -25.71 -11.31 13.36
CA ASN B 236 -26.29 -10.08 12.82
C ASN B 236 -25.78 -8.77 13.35
N SER B 237 -24.45 -8.83 13.48
CA SER B 237 -23.65 -7.67 13.77
C SER B 237 -23.30 -7.07 12.40
N ALA B 238 -22.30 -6.19 12.35
CA ALA B 238 -21.92 -5.59 11.08
C ALA B 238 -20.90 -6.57 10.50
N PRO B 239 -20.97 -6.93 9.23
CA PRO B 239 -19.95 -7.73 8.60
C PRO B 239 -18.57 -7.08 8.69
N TYR B 240 -17.52 -7.88 8.59
CA TYR B 240 -16.17 -7.34 8.61
C TYR B 240 -15.88 -6.66 7.28
N GLY B 241 -14.90 -5.75 7.31
CA GLY B 241 -14.39 -5.10 6.11
C GLY B 241 -13.32 -6.01 5.50
N ALA B 242 -13.16 -6.06 4.18
CA ALA B 242 -12.12 -6.85 3.60
C ALA B 242 -11.01 -5.87 3.16
N ARG B 243 -9.75 -6.31 3.28
CA ARG B 243 -8.59 -5.57 2.80
C ARG B 243 -7.57 -6.56 2.27
N TYR B 244 -7.00 -6.44 1.08
CA TYR B 244 -5.92 -7.34 0.70
C TYR B 244 -4.99 -6.60 -0.28
N VAL B 245 -3.89 -6.05 0.27
CA VAL B 245 -2.84 -5.34 -0.48
C VAL B 245 -2.13 -6.31 -1.43
N GLY B 246 -1.91 -7.57 -0.99
CA GLY B 246 -1.21 -8.52 -1.84
C GLY B 246 0.28 -8.35 -1.61
N SER B 247 0.62 -7.90 -0.42
CA SER B 247 2.01 -7.77 -0.04
C SER B 247 1.96 -8.18 1.41
N MET B 248 2.59 -9.27 1.77
CA MET B 248 2.50 -9.86 3.09
C MET B 248 2.92 -8.86 4.15
N VAL B 249 4.06 -8.14 3.95
CA VAL B 249 4.49 -7.18 4.96
C VAL B 249 3.44 -6.06 5.12
N ALA B 250 2.87 -5.55 4.07
CA ALA B 250 1.84 -4.54 4.19
C ALA B 250 0.61 -5.07 4.89
N ASP B 251 0.18 -6.29 4.58
CA ASP B 251 -1.02 -6.86 5.19
C ASP B 251 -0.80 -7.27 6.65
N VAL B 252 0.37 -7.79 7.03
CA VAL B 252 0.65 -8.15 8.42
C VAL B 252 0.80 -6.85 9.20
N HIS B 253 1.41 -5.80 8.66
CA HIS B 253 1.55 -4.56 9.43
C HIS B 253 0.19 -3.94 9.78
N ARG B 254 -0.74 -3.87 8.81
CA ARG B 254 -2.11 -3.47 9.06
C ARG B 254 -2.76 -4.41 10.09
N THR B 255 -2.58 -5.74 10.04
CA THR B 255 -3.17 -6.67 11.00
C THR B 255 -2.57 -6.40 12.37
N LEU B 256 -1.29 -6.09 12.51
CA LEU B 256 -0.72 -5.80 13.80
C LEU B 256 -1.22 -4.48 14.36
N VAL B 257 -1.30 -3.38 13.60
CA VAL B 257 -1.68 -2.11 14.22
C VAL B 257 -3.18 -1.90 14.34
N TYR B 258 -3.95 -2.41 13.39
CA TYR B 258 -5.36 -2.25 13.37
C TYR B 258 -6.09 -3.49 13.89
N GLY B 259 -5.54 -4.70 13.89
CA GLY B 259 -6.27 -5.88 14.28
C GLY B 259 -6.92 -6.54 13.08
N GLY B 260 -7.45 -7.72 13.31
CA GLY B 260 -8.10 -8.46 12.23
C GLY B 260 -7.37 -9.77 12.01
N ILE B 261 -7.54 -10.37 10.83
CA ILE B 261 -6.97 -11.67 10.52
C ILE B 261 -6.44 -11.60 9.12
N PHE B 262 -5.29 -12.25 8.89
CA PHE B 262 -4.65 -12.35 7.56
C PHE B 262 -4.52 -13.83 7.28
N MET B 263 -4.82 -14.26 6.09
CA MET B 263 -4.94 -15.68 5.84
C MET B 263 -4.26 -15.97 4.56
N TYR B 264 -3.26 -16.84 4.54
CA TYR B 264 -2.85 -17.41 3.28
C TYR B 264 -2.79 -18.92 3.56
N PRO B 265 -3.93 -19.58 3.35
CA PRO B 265 -4.09 -21.01 3.53
C PRO B 265 -3.64 -21.70 2.26
N ALA B 266 -3.78 -23.03 2.23
CA ALA B 266 -3.46 -23.75 1.01
C ALA B 266 -4.75 -23.79 0.21
N ASN B 267 -4.63 -23.78 -1.10
CA ASN B 267 -5.76 -23.89 -2.01
C ASN B 267 -5.27 -24.96 -2.98
N LYS B 268 -6.02 -25.99 -3.40
CA LYS B 268 -5.56 -27.07 -4.30
C LYS B 268 -4.31 -26.86 -5.16
N LYS B 269 -4.21 -25.72 -5.81
CA LYS B 269 -3.10 -25.45 -6.71
C LYS B 269 -1.81 -24.83 -6.14
N SER B 270 -1.70 -24.83 -4.81
CA SER B 270 -0.52 -24.44 -4.07
C SER B 270 -0.79 -25.21 -2.76
N PRO B 271 -0.66 -26.54 -2.81
CA PRO B 271 -1.20 -27.42 -1.77
C PRO B 271 -0.52 -27.35 -0.39
N LYS B 272 0.65 -26.74 -0.24
CA LYS B 272 1.27 -26.61 1.07
C LYS B 272 1.32 -25.12 1.45
N GLY B 273 0.48 -24.29 0.84
CA GLY B 273 0.54 -22.86 1.07
C GLY B 273 1.55 -22.27 0.11
N LYS B 274 1.56 -20.94 0.01
CA LYS B 274 2.51 -20.28 -0.86
C LYS B 274 3.69 -19.78 -0.05
N LEU B 275 3.49 -19.32 1.17
CA LEU B 275 4.55 -18.62 1.87
C LEU B 275 5.58 -19.52 2.49
N ARG B 276 6.84 -19.11 2.58
CA ARG B 276 7.88 -19.95 3.07
C ARG B 276 8.00 -19.87 4.55
N LEU B 277 8.13 -21.05 5.12
CA LEU B 277 8.16 -21.21 6.55
C LEU B 277 9.33 -20.46 7.17
N LEU B 278 10.56 -20.57 6.70
CA LEU B 278 11.65 -19.96 7.43
C LEU B 278 11.81 -18.45 7.38
N TYR B 279 11.46 -17.80 6.26
CA TYR B 279 11.76 -16.39 6.20
C TYR B 279 10.57 -15.56 5.86
N GLU B 280 9.38 -16.13 5.84
CA GLU B 280 8.19 -15.30 5.68
C GLU B 280 7.23 -15.67 6.80
N CYS B 281 6.81 -16.93 6.92
CA CYS B 281 5.87 -17.29 7.93
C CYS B 281 6.37 -17.19 9.34
N ASN B 282 7.52 -17.77 9.64
CA ASN B 282 7.99 -17.79 11.01
C ASN B 282 8.39 -16.43 11.56
N PRO B 283 8.96 -15.45 10.84
CA PRO B 283 9.20 -14.12 11.39
C PRO B 283 7.88 -13.43 11.73
N MET B 284 6.88 -13.52 10.86
CA MET B 284 5.58 -12.94 11.13
C MET B 284 4.82 -13.59 12.25
N ALA B 285 4.90 -14.93 12.34
CA ALA B 285 4.26 -15.66 13.43
C ALA B 285 4.88 -15.28 14.79
N TYR B 286 6.21 -15.09 14.87
CA TYR B 286 6.89 -14.71 16.11
C TYR B 286 6.50 -13.28 16.50
N VAL B 287 6.41 -12.35 15.54
CA VAL B 287 5.93 -11.01 15.83
C VAL B 287 4.49 -11.03 16.35
N MET B 288 3.60 -11.72 15.65
CA MET B 288 2.21 -11.83 16.04
C MET B 288 2.12 -12.35 17.46
N GLU B 289 2.76 -13.47 17.75
CA GLU B 289 2.72 -14.01 19.09
C GLU B 289 3.34 -13.09 20.11
N LYS B 290 4.47 -12.40 19.92
CA LYS B 290 4.96 -11.47 20.92
C LYS B 290 4.08 -10.20 21.10
N ALA B 291 3.15 -10.02 20.17
CA ALA B 291 2.17 -8.97 20.24
C ALA B 291 0.86 -9.48 20.85
N GLY B 292 0.75 -10.75 21.27
CA GLY B 292 -0.47 -11.26 21.88
C GLY B 292 -1.45 -11.79 20.82
N GLY B 293 -0.96 -12.08 19.61
CA GLY B 293 -1.80 -12.61 18.52
C GLY B 293 -1.56 -14.09 18.34
N LEU B 294 -2.16 -14.74 17.34
CA LEU B 294 -1.89 -16.15 17.15
C LEU B 294 -1.47 -16.37 15.71
N ALA B 295 -0.74 -17.43 15.37
CA ALA B 295 -0.40 -17.77 13.98
C ALA B 295 -0.42 -19.29 13.82
N THR B 296 -1.21 -19.83 12.89
CA THR B 296 -1.46 -21.25 12.74
C THR B 296 -1.60 -21.59 11.27
N THR B 297 -1.41 -22.86 11.00
CA THR B 297 -1.59 -23.39 9.66
C THR B 297 -3.07 -23.70 9.48
N GLY B 298 -3.79 -23.78 10.59
CA GLY B 298 -5.14 -24.29 10.56
C GLY B 298 -5.14 -25.64 11.29
N LYS B 299 -3.96 -26.28 11.40
CA LYS B 299 -3.80 -27.50 12.18
C LYS B 299 -2.82 -27.25 13.33
N GLU B 300 -1.56 -26.88 13.11
CA GLU B 300 -0.69 -26.60 14.23
C GLU B 300 -0.27 -25.15 14.26
N ALA B 301 0.42 -24.79 15.32
CA ALA B 301 0.94 -23.46 15.50
C ALA B 301 2.15 -23.40 14.58
N VAL B 302 2.32 -22.34 13.80
CA VAL B 302 3.40 -22.27 12.83
C VAL B 302 4.77 -22.39 13.51
N LEU B 303 4.95 -21.79 14.70
CA LEU B 303 6.23 -21.79 15.38
C LEU B 303 6.67 -23.12 15.95
N ASP B 304 5.81 -24.15 15.92
CA ASP B 304 6.18 -25.46 16.44
C ASP B 304 6.56 -26.48 15.37
N ILE B 305 6.34 -26.11 14.11
CA ILE B 305 6.67 -26.95 12.98
C ILE B 305 8.19 -27.11 12.92
N VAL B 306 8.73 -28.32 12.89
CA VAL B 306 10.17 -28.50 12.78
C VAL B 306 10.43 -28.55 11.29
N PRO B 307 11.20 -27.64 10.70
CA PRO B 307 11.40 -27.54 9.28
C PRO B 307 12.30 -28.68 8.82
N THR B 308 12.09 -29.21 7.62
CA THR B 308 13.01 -30.20 7.08
C THR B 308 13.66 -29.69 5.80
N ASP B 309 13.14 -28.62 5.19
CA ASP B 309 13.80 -28.07 4.01
C ASP B 309 13.86 -26.57 4.25
N ILE B 310 14.96 -25.90 3.89
CA ILE B 310 15.14 -24.46 4.13
C ILE B 310 14.13 -23.61 3.35
N HIS B 311 13.62 -24.16 2.24
CA HIS B 311 12.67 -23.47 1.39
C HIS B 311 11.27 -24.07 1.50
N GLN B 312 10.98 -24.74 2.62
CA GLN B 312 9.71 -25.35 2.92
C GLN B 312 8.58 -24.33 3.00
N ARG B 313 7.38 -24.70 2.53
CA ARG B 313 6.26 -23.79 2.41
C ARG B 313 5.27 -24.09 3.51
N ALA B 314 4.39 -23.16 3.85
CA ALA B 314 3.43 -23.37 4.92
C ALA B 314 2.19 -22.50 4.73
N PRO B 315 1.01 -22.99 5.11
CA PRO B 315 -0.17 -22.22 5.39
C PRO B 315 0.04 -21.36 6.62
N ILE B 316 -0.56 -20.18 6.60
CA ILE B 316 -0.50 -19.34 7.76
C ILE B 316 -1.77 -18.53 7.77
N ILE B 317 -2.26 -18.40 8.99
CA ILE B 317 -3.45 -17.64 9.32
C ILE B 317 -2.91 -17.00 10.58
N LEU B 318 -2.97 -15.68 10.67
CA LEU B 318 -2.46 -14.99 11.85
C LEU B 318 -3.33 -13.76 12.14
N GLY B 319 -3.24 -13.23 13.36
CA GLY B 319 -3.93 -12.01 13.69
C GLY B 319 -4.46 -12.00 15.11
N SER B 320 -5.57 -11.31 15.32
CA SER B 320 -6.12 -11.11 16.64
C SER B 320 -6.55 -12.44 17.23
N PRO B 321 -6.26 -12.67 18.49
CA PRO B 321 -6.52 -13.94 19.15
C PRO B 321 -7.94 -14.49 18.97
N GLU B 322 -8.98 -13.70 19.20
CA GLU B 322 -10.34 -14.19 19.03
C GLU B 322 -10.65 -14.52 17.58
N ASP B 323 -10.20 -13.73 16.63
CA ASP B 323 -10.48 -14.03 15.24
C ASP B 323 -9.84 -15.31 14.81
N VAL B 324 -8.59 -15.55 15.18
CA VAL B 324 -7.93 -16.78 14.78
C VAL B 324 -8.65 -17.92 15.51
N THR B 325 -8.86 -17.82 16.80
CA THR B 325 -9.55 -18.86 17.53
C THR B 325 -10.89 -19.21 16.93
N GLU B 326 -11.65 -18.25 16.40
CA GLU B 326 -12.93 -18.53 15.74
C GLU B 326 -12.66 -19.39 14.52
N LEU B 327 -11.66 -19.08 13.69
CA LEU B 327 -11.42 -19.93 12.53
C LEU B 327 -10.87 -21.27 13.03
N LEU B 328 -10.10 -21.39 14.10
CA LEU B 328 -9.60 -22.69 14.55
C LEU B 328 -10.73 -23.66 14.98
N GLU B 329 -11.73 -23.15 15.68
CA GLU B 329 -12.91 -23.91 16.00
C GLU B 329 -13.60 -24.38 14.71
N ILE B 330 -13.70 -23.61 13.62
CA ILE B 330 -14.33 -24.04 12.37
C ILE B 330 -13.44 -25.09 11.75
N TYR B 331 -12.12 -25.06 11.93
CA TYR B 331 -11.26 -26.09 11.38
C TYR B 331 -11.43 -27.41 12.12
N GLN B 332 -11.63 -27.34 13.44
CA GLN B 332 -11.85 -28.47 14.32
C GLN B 332 -13.06 -29.28 13.94
N LYS B 333 -14.08 -28.51 13.65
CA LYS B 333 -15.38 -28.96 13.19
C LYS B 333 -15.28 -29.81 11.94
N HIS B 334 -14.40 -29.42 11.02
CA HIS B 334 -14.32 -30.06 9.72
C HIS B 334 -13.33 -31.22 9.59
N ALA B 335 -12.75 -31.86 10.63
CA ALA B 335 -11.80 -32.98 10.46
C ALA B 335 -12.23 -34.34 11.10
O1 F6P C . -12.58 7.77 0.30
C1 F6P C . -11.69 7.44 1.33
C2 F6P C . -11.34 5.95 1.20
O2 F6P C . -10.49 5.48 2.26
C3 F6P C . -10.78 5.72 -0.21
O3 F6P C . -9.43 6.05 -0.31
C4 F6P C . -11.10 4.23 -0.48
O4 F6P C . -11.24 3.88 -1.86
C5 F6P C . -12.33 3.99 0.39
O5 F6P C . -12.49 5.14 1.23
C6 F6P C . -12.23 2.79 1.21
O6 F6P C . -13.59 2.57 1.77
P F6P C . -14.06 1.22 2.49
O1P F6P C . -15.53 1.32 2.78
O2P F6P C . -13.77 0.02 1.62
O3P F6P C . -13.41 1.04 3.84
O1 F6P D . -2.77 22.64 -24.24
C1 F6P D . -2.91 22.03 -22.95
C2 F6P D . -2.91 23.02 -21.74
O2 F6P D . -1.77 22.75 -20.89
C3 F6P D . -4.27 22.95 -20.97
O3 F6P D . -4.30 22.00 -19.89
C4 F6P D . -4.54 24.42 -20.50
O4 F6P D . -5.94 24.80 -20.46
C5 F6P D . -3.65 25.25 -21.47
O5 F6P D . -2.85 24.33 -22.23
C6 F6P D . -2.76 26.20 -20.79
O6 F6P D . -3.23 27.56 -21.06
P F6P D . -2.78 28.78 -20.11
O1P F6P D . -3.53 30.00 -20.60
O2P F6P D . -3.17 28.62 -18.67
O3P F6P D . -1.28 28.98 -20.17
O1 F6P E . 4.97 -14.06 -1.41
C1 F6P E . 5.02 -12.91 -2.23
C2 F6P E . 3.66 -12.19 -2.16
O2 F6P E . 3.60 -11.10 -3.08
C3 F6P E . 3.37 -11.79 -0.70
O3 F6P E . 3.85 -10.52 -0.32
C4 F6P E . 1.82 -11.92 -0.57
O4 F6P E . 1.37 -12.19 0.75
C5 F6P E . 1.47 -12.94 -1.64
O5 F6P E . 2.61 -13.06 -2.52
C6 F6P E . 0.28 -12.55 -2.38
O6 F6P E . 0.13 -13.53 -3.48
P F6P E . -1.25 -13.80 -4.22
O1P F6P E . -1.27 -15.27 -4.55
O2P F6P E . -2.48 -13.43 -3.41
O3P F6P E . -1.24 -13.11 -5.57
#